data_2VBG
#
_entry.id   2VBG
#
_cell.length_a   65.977
_cell.length_b   108.578
_cell.length_c   146.529
_cell.angle_alpha   90.00
_cell.angle_beta   90.00
_cell.angle_gamma   90.00
#
_symmetry.space_group_name_H-M   'P 21 21 21'
#
loop_
_entity.id
_entity.type
_entity.pdbx_description
1 polymer 'BRANCHED-CHAIN ALPHA-KETOACID DECARBOXYLASE'
2 non-polymer 'MAGNESIUM ION'
3 non-polymer '2-{4-[(4-AMINO-2-METHYLPYRIMIDIN-5-YL)METHYL]-5-[(1R)-1-HYDROXYETHYL]-3-METHYL-2-THIENYL}ETHYL TRIHYDROGEN DIPHOSPHATE'
4 water water
#
_entity_poly.entity_id   1
_entity_poly.type   'polypeptide(L)'
_entity_poly.pdbx_seq_one_letter_code
;MGSSHHHHHHSSGLVPRGSHMASMYTVGDYLLDRLHELGIEEIFGVPGDYNLQFLDQIISREDMKWIGNANELNASYMAD
GYARTKKAAAFLTTFGVGELSAINGLAGSYAENLPVVEIVGSPTSKVQNDGKFVHHTLADGDFKHFMKMHEPVTAARTLL
TAENATYEIDRVLSQLLKERKPVYINLPVDVAAAKAEKPALSLEKESSTTNTTEQVILSKIEESLKNAQKPVVIAGHEVI
SFGLEKTVTQFVSETKLPITTLNFGKSAVDESLPSFLGIYNGKLSEISLKNFVESADFILMLGVKLTDSSTGAFTHHLDE
NKMISLNIDEGIIFNKVVEDFDFRAVVSSLSELKGIEYEGQYIDKQYEEFIPSSAPLSQDRLWQAVESLTQSNETIVAEQ
GTSFFGASTIFLKSNSRFIGQPLWGSIGYTFPAALGSQIADKESRHLLFIGDGSLQLTVQELGLSIREKLNPICFIINND
GYTVEREIHGPTQSYNDIPMWNYSKLPETFGATEDRVVSKIVRTENEFVSVMKEAQADVNRMYWIELVLEKEDAPKLLKK
MGKLFAEQNK
;
_entity_poly.pdbx_strand_id   A,B
#
# COMPACT_ATOMS: atom_id res chain seq x y z
N HIS A 10 28.22 3.20 -32.62
CA HIS A 10 27.27 2.13 -33.06
C HIS A 10 28.01 0.83 -33.37
N SER A 11 27.35 -0.29 -33.12
CA SER A 11 27.90 -1.63 -33.42
C SER A 11 28.37 -1.76 -34.87
N SER A 12 27.57 -1.21 -35.80
CA SER A 12 27.87 -1.23 -37.23
C SER A 12 29.14 -0.47 -37.60
N GLY A 13 29.61 0.40 -36.72
CA GLY A 13 30.77 1.23 -37.01
C GLY A 13 30.44 2.53 -37.71
N LEU A 14 29.15 2.84 -37.86
CA LEU A 14 28.72 4.13 -38.45
C LEU A 14 28.74 5.23 -37.39
N MET A 24 21.63 18.03 -24.98
CA MET A 24 22.30 18.32 -23.67
C MET A 24 22.15 17.11 -22.75
N TYR A 25 23.27 16.66 -22.17
CA TYR A 25 23.28 15.59 -21.17
C TYR A 25 22.78 16.17 -19.85
N THR A 26 21.90 15.43 -19.19
CA THR A 26 21.17 15.95 -18.05
C THR A 26 21.36 15.06 -16.81
N VAL A 27 20.87 15.56 -15.67
CA VAL A 27 20.91 14.79 -14.43
C VAL A 27 20.12 13.48 -14.58
N GLY A 28 19.00 13.52 -15.31
CA GLY A 28 18.21 12.32 -15.61
C GLY A 28 19.01 11.25 -16.34
N ASP A 29 19.78 11.67 -17.35
CA ASP A 29 20.68 10.77 -18.09
C ASP A 29 21.75 10.15 -17.18
N TYR A 30 22.29 10.96 -16.28
CA TYR A 30 23.32 10.53 -15.31
C TYR A 30 22.76 9.43 -14.40
N LEU A 31 21.58 9.67 -13.84
CA LEU A 31 20.93 8.68 -13.01
C LEU A 31 20.71 7.39 -13.78
N LEU A 32 20.15 7.46 -14.99
CA LEU A 32 19.88 6.26 -15.78
C LEU A 32 21.16 5.52 -16.19
N ASP A 33 22.22 6.26 -16.51
CA ASP A 33 23.52 5.66 -16.82
C ASP A 33 24.05 4.84 -15.62
N ARG A 34 23.95 5.41 -14.42
CA ARG A 34 24.39 4.73 -13.20
C ARG A 34 23.55 3.49 -12.90
N LEU A 35 22.24 3.57 -13.14
CA LEU A 35 21.37 2.40 -12.97
C LEU A 35 21.73 1.29 -13.95
N HIS A 36 22.04 1.66 -15.19
CA HIS A 36 22.52 0.69 -16.18
C HIS A 36 23.79 -0.01 -15.71
N GLU A 37 24.72 0.77 -15.14
CA GLU A 37 25.97 0.22 -14.59
C GLU A 37 25.71 -0.83 -13.53
N LEU A 38 24.66 -0.63 -12.74
CA LEU A 38 24.26 -1.58 -11.70
C LEU A 38 23.61 -2.86 -12.24
N GLY A 39 23.38 -2.92 -13.55
CA GLY A 39 22.79 -4.11 -14.19
C GLY A 39 21.28 -4.05 -14.36
N ILE A 40 20.66 -2.91 -14.02
CA ILE A 40 19.23 -2.72 -14.12
C ILE A 40 18.82 -2.44 -15.58
N GLU A 41 17.91 -3.27 -16.12
CA GLU A 41 17.44 -3.15 -17.50
C GLU A 41 15.93 -2.86 -17.59
N GLU A 42 15.27 -2.80 -16.43
CA GLU A 42 13.83 -2.58 -16.32
C GLU A 42 13.57 -1.70 -15.10
N ILE A 43 12.71 -0.69 -15.24
CA ILE A 43 12.28 0.16 -14.12
C ILE A 43 10.77 0.02 -13.92
N PHE A 44 10.37 -0.25 -12.70
CA PHE A 44 8.96 -0.46 -12.34
C PHE A 44 8.35 0.83 -11.77
N GLY A 45 7.05 0.79 -11.49
CA GLY A 45 6.38 1.91 -10.80
C GLY A 45 5.11 2.42 -11.44
N VAL A 46 4.68 3.59 -11.00
CA VAL A 46 3.44 4.21 -11.44
C VAL A 46 3.71 5.69 -11.74
N PRO A 47 3.25 6.18 -12.90
CA PRO A 47 3.52 7.57 -13.25
C PRO A 47 2.72 8.57 -12.41
N GLY A 48 3.21 9.80 -12.36
CA GLY A 48 2.46 10.94 -11.83
C GLY A 48 3.00 12.22 -12.44
N ASP A 49 2.25 13.30 -12.36
CA ASP A 49 2.67 14.53 -13.06
C ASP A 49 4.08 15.00 -12.65
N TYR A 50 4.44 14.75 -11.39
CA TYR A 50 5.78 15.11 -10.88
C TYR A 50 6.95 14.23 -11.39
N ASN A 51 6.67 13.18 -12.17
CA ASN A 51 7.74 12.34 -12.74
C ASN A 51 7.65 12.07 -14.25
N LEU A 52 6.70 12.70 -14.94
CA LEU A 52 6.47 12.42 -16.36
C LEU A 52 7.64 12.80 -17.27
N GLN A 53 8.28 13.94 -17.01
CA GLN A 53 9.42 14.37 -17.83
CA GLN A 53 9.42 14.36 -17.84
C GLN A 53 10.61 13.41 -17.69
N PHE A 54 10.85 12.93 -16.48
CA PHE A 54 11.90 11.92 -16.26
C PHE A 54 11.50 10.60 -16.93
N LEU A 55 10.22 10.25 -16.85
CA LEU A 55 9.70 9.06 -17.53
C LEU A 55 9.99 9.09 -19.03
N ASP A 56 9.82 10.26 -19.65
CA ASP A 56 10.20 10.45 -21.07
C ASP A 56 11.62 9.96 -21.34
N GLN A 57 12.53 10.28 -20.41
CA GLN A 57 13.93 9.87 -20.52
C GLN A 57 14.09 8.37 -20.39
N ILE A 58 13.29 7.74 -19.53
CA ILE A 58 13.29 6.28 -19.41
C ILE A 58 12.81 5.65 -20.72
N ILE A 59 11.71 6.18 -21.27
CA ILE A 59 11.13 5.66 -22.52
C ILE A 59 12.14 5.75 -23.67
N SER A 60 12.87 6.85 -23.74
CA SER A 60 13.84 7.07 -24.81
C SER A 60 15.07 6.14 -24.77
N ARG A 61 15.38 5.57 -23.61
CA ARG A 61 16.55 4.67 -23.45
C ARG A 61 16.43 3.43 -24.31
N GLU A 62 17.48 3.10 -25.06
CA GLU A 62 17.50 1.82 -25.80
C GLU A 62 17.78 0.62 -24.90
N ASP A 63 18.42 0.87 -23.75
CA ASP A 63 18.96 -0.21 -22.92
C ASP A 63 18.14 -0.47 -21.65
N MET A 64 16.97 0.17 -21.55
CA MET A 64 16.09 -0.10 -20.43
CA MET A 64 16.13 0.14 -20.35
C MET A 64 14.64 0.22 -20.72
N LYS A 65 13.79 -0.58 -20.09
CA LYS A 65 12.35 -0.57 -20.36
C LYS A 65 11.55 -0.12 -19.13
N TRP A 66 10.60 0.79 -19.36
CA TRP A 66 9.59 1.11 -18.35
C TRP A 66 8.56 -0.03 -18.33
N ILE A 67 8.34 -0.59 -17.13
CA ILE A 67 7.29 -1.58 -16.92
C ILE A 67 6.31 -1.05 -15.86
N GLY A 68 5.23 -0.43 -16.31
CA GLY A 68 4.32 0.27 -15.43
C GLY A 68 3.44 -0.70 -14.67
N ASN A 69 3.28 -0.45 -13.39
CA ASN A 69 2.44 -1.29 -12.52
C ASN A 69 1.04 -0.69 -12.33
N ALA A 70 0.10 -1.49 -11.82
CA ALA A 70 -1.25 -0.99 -11.51
C ALA A 70 -1.22 -0.09 -10.27
N ASN A 71 -0.48 -0.51 -9.23
CA ASN A 71 -0.26 0.32 -8.04
C ASN A 71 1.19 0.25 -7.51
N GLU A 72 1.51 1.14 -6.58
CA GLU A 72 2.89 1.35 -6.11
C GLU A 72 3.37 0.30 -5.09
N LEU A 73 2.47 -0.19 -4.23
CA LEU A 73 2.84 -1.29 -3.35
C LEU A 73 3.32 -2.46 -4.20
N ASN A 74 2.56 -2.78 -5.24
CA ASN A 74 2.93 -3.88 -6.12
C ASN A 74 4.24 -3.62 -6.86
N ALA A 75 4.46 -2.38 -7.29
CA ALA A 75 5.72 -1.99 -7.93
C ALA A 75 6.92 -2.23 -7.00
N SER A 76 6.75 -1.88 -5.71
CA SER A 76 7.82 -2.06 -4.72
C SER A 76 8.13 -3.56 -4.50
N TYR A 77 7.08 -4.36 -4.39
CA TYR A 77 7.22 -5.81 -4.32
C TYR A 77 7.90 -6.39 -5.56
N MET A 78 7.50 -5.90 -6.73
CA MET A 78 8.06 -6.35 -8.00
C MET A 78 9.54 -6.03 -8.11
N ALA A 79 9.92 -4.81 -7.71
CA ALA A 79 11.33 -4.39 -7.69
C ALA A 79 12.18 -5.26 -6.74
N ASP A 80 11.61 -5.62 -5.59
CA ASP A 80 12.26 -6.51 -4.62
C ASP A 80 12.58 -7.88 -5.26
N GLY A 81 11.58 -8.52 -5.87
CA GLY A 81 11.78 -9.79 -6.57
C GLY A 81 12.83 -9.73 -7.67
N TYR A 82 12.80 -8.64 -8.44
CA TYR A 82 13.77 -8.38 -9.51
C TYR A 82 15.17 -8.30 -8.93
N ALA A 83 15.31 -7.58 -7.82
CA ALA A 83 16.58 -7.45 -7.11
C ALA A 83 17.12 -8.78 -6.61
N ARG A 84 16.25 -9.64 -6.11
CA ARG A 84 16.69 -10.96 -5.65
C ARG A 84 17.36 -11.79 -6.75
N THR A 85 16.97 -11.55 -8.01
CA THR A 85 17.49 -12.31 -9.13
C THR A 85 18.52 -11.53 -9.93
N LYS A 86 18.24 -10.25 -10.21
CA LYS A 86 19.14 -9.39 -10.99
C LYS A 86 20.28 -8.81 -10.15
N LYS A 87 20.08 -8.76 -8.83
CA LYS A 87 21.06 -8.27 -7.83
C LYS A 87 21.13 -6.75 -7.73
N ALA A 88 20.21 -6.08 -8.44
CA ALA A 88 19.92 -4.66 -8.27
C ALA A 88 18.55 -4.39 -8.89
N ALA A 89 17.87 -3.35 -8.42
CA ALA A 89 16.54 -2.99 -8.94
C ALA A 89 16.23 -1.51 -8.70
N ALA A 90 15.27 -1.00 -9.48
CA ALA A 90 14.77 0.36 -9.31
C ALA A 90 13.29 0.48 -9.64
N PHE A 91 12.59 1.33 -8.88
CA PHE A 91 11.23 1.73 -9.25
C PHE A 91 11.00 3.22 -9.00
N LEU A 92 10.00 3.77 -9.69
CA LEU A 92 9.69 5.18 -9.72
C LEU A 92 8.28 5.43 -9.21
N THR A 93 8.14 6.37 -8.30
CA THR A 93 6.83 6.79 -7.81
C THR A 93 6.71 8.30 -7.88
N THR A 94 5.49 8.78 -7.64
CA THR A 94 5.25 10.19 -7.47
C THR A 94 5.24 10.60 -5.97
N PHE A 95 5.61 11.85 -5.74
CA PHE A 95 5.64 12.46 -4.40
C PHE A 95 4.41 12.17 -3.53
N GLY A 96 4.64 11.84 -2.26
CA GLY A 96 3.58 11.63 -1.28
C GLY A 96 2.77 10.37 -1.50
N VAL A 97 1.82 10.44 -2.45
CA VAL A 97 0.85 9.36 -2.63
C VAL A 97 1.48 8.07 -3.22
N GLY A 98 2.46 8.23 -4.11
CA GLY A 98 3.17 7.10 -4.68
C GLY A 98 4.15 6.48 -3.69
N GLU A 99 5.04 7.31 -3.17
CA GLU A 99 6.05 6.83 -2.22
C GLU A 99 5.45 6.19 -0.96
N LEU A 100 4.45 6.83 -0.34
CA LEU A 100 3.82 6.26 0.86
C LEU A 100 3.07 4.96 0.57
N SER A 101 2.48 4.83 -0.61
CA SER A 101 1.87 3.54 -1.03
C SER A 101 2.90 2.39 -1.13
N ALA A 102 4.14 2.73 -1.48
CA ALA A 102 5.23 1.75 -1.69
C ALA A 102 6.06 1.41 -0.46
N ILE A 103 5.89 2.15 0.63
CA ILE A 103 6.85 2.10 1.75
C ILE A 103 6.89 0.74 2.46
N ASN A 104 5.78 0.02 2.51
CA ASN A 104 5.79 -1.36 3.03
C ASN A 104 6.67 -2.30 2.20
N GLY A 105 6.68 -2.13 0.87
CA GLY A 105 7.56 -2.91 0.02
C GLY A 105 9.02 -2.57 0.29
N LEU A 106 9.33 -1.28 0.43
CA LEU A 106 10.69 -0.86 0.69
C LEU A 106 11.16 -1.34 2.06
N ALA A 107 10.25 -1.34 3.05
CA ALA A 107 10.53 -1.85 4.38
C ALA A 107 10.92 -3.34 4.34
N GLY A 108 10.20 -4.13 3.55
CA GLY A 108 10.56 -5.54 3.33
C GLY A 108 11.93 -5.72 2.70
N SER A 109 12.24 -4.88 1.71
CA SER A 109 13.56 -4.85 1.07
C SER A 109 14.67 -4.48 2.07
N TYR A 110 14.36 -3.60 3.03
CA TYR A 110 15.33 -3.26 4.08
C TYR A 110 15.51 -4.44 5.04
N ALA A 111 14.39 -5.02 5.49
CA ALA A 111 14.40 -6.14 6.41
C ALA A 111 15.24 -7.31 5.85
N GLU A 112 14.98 -7.69 4.61
CA GLU A 112 15.66 -8.86 4.02
C GLU A 112 16.86 -8.48 3.13
N ASN A 113 17.21 -7.19 3.15
CA ASN A 113 18.48 -6.68 2.63
C ASN A 113 18.60 -6.85 1.11
N LEU A 114 17.68 -6.23 0.38
CA LEU A 114 17.69 -6.27 -1.09
C LEU A 114 18.02 -4.89 -1.67
N PRO A 115 18.93 -4.85 -2.67
CA PRO A 115 19.39 -3.58 -3.22
C PRO A 115 18.39 -2.93 -4.20
N VAL A 116 17.38 -2.27 -3.63
CA VAL A 116 16.36 -1.58 -4.41
C VAL A 116 16.50 -0.05 -4.31
N VAL A 117 16.50 0.62 -5.46
CA VAL A 117 16.48 2.07 -5.52
C VAL A 117 15.03 2.55 -5.73
N GLU A 118 14.52 3.37 -4.82
CA GLU A 118 13.28 4.10 -5.11
C GLU A 118 13.59 5.53 -5.54
N ILE A 119 13.05 5.89 -6.70
CA ILE A 119 13.12 7.26 -7.19
C ILE A 119 11.73 7.88 -7.02
N VAL A 120 11.67 9.04 -6.36
CA VAL A 120 10.45 9.76 -6.14
C VAL A 120 10.49 11.10 -6.89
N GLY A 121 9.61 11.26 -7.88
CA GLY A 121 9.45 12.54 -8.56
C GLY A 121 8.71 13.51 -7.68
N SER A 122 9.25 14.72 -7.54
CA SER A 122 8.70 15.73 -6.64
C SER A 122 8.47 17.04 -7.38
N PRO A 123 7.71 17.97 -6.78
CA PRO A 123 7.45 19.25 -7.46
C PRO A 123 8.73 20.05 -7.75
N THR A 124 8.64 21.01 -8.65
CA THR A 124 9.79 21.83 -8.98
C THR A 124 10.38 22.48 -7.73
N SER A 125 11.69 22.76 -7.80
CA SER A 125 12.39 23.44 -6.72
C SER A 125 11.69 24.73 -6.28
N LYS A 126 11.18 25.50 -7.26
CA LYS A 126 10.50 26.76 -6.94
C LYS A 126 9.20 26.53 -6.17
N VAL A 127 8.40 25.55 -6.60
CA VAL A 127 7.16 25.22 -5.88
C VAL A 127 7.46 24.79 -4.44
N GLN A 128 8.51 23.99 -4.26
CA GLN A 128 8.91 23.55 -2.92
C GLN A 128 9.38 24.72 -2.06
N ASN A 129 10.23 25.58 -2.63
CA ASN A 129 10.74 26.75 -1.92
C ASN A 129 9.67 27.80 -1.60
N ASP A 130 8.67 27.89 -2.46
CA ASP A 130 7.51 28.78 -2.24
C ASP A 130 6.51 28.27 -1.19
N GLY A 131 6.64 27.00 -0.79
CA GLY A 131 5.76 26.39 0.19
C GLY A 131 4.31 26.23 -0.25
N LYS A 132 4.10 26.01 -1.55
CA LYS A 132 2.76 25.98 -2.13
C LYS A 132 1.96 24.77 -1.68
N PHE A 133 0.66 24.98 -1.50
CA PHE A 133 -0.29 23.93 -1.10
C PHE A 133 -0.72 23.16 -2.36
N VAL A 134 0.18 22.33 -2.87
CA VAL A 134 -0.08 21.56 -4.08
C VAL A 134 -0.54 20.16 -3.73
N HIS A 135 -1.07 19.48 -4.73
CA HIS A 135 -1.56 18.11 -4.58
C HIS A 135 -0.45 17.15 -4.11
N HIS A 136 -0.85 16.16 -3.32
CA HIS A 136 0.05 15.16 -2.72
C HIS A 136 0.89 15.76 -1.59
N THR A 137 0.37 16.79 -0.93
CA THR A 137 0.99 17.36 0.28
C THR A 137 -0.02 17.46 1.42
N LEU A 138 0.47 17.85 2.59
CA LEU A 138 -0.37 18.04 3.76
C LEU A 138 -0.87 19.50 3.87
N ALA A 139 -0.62 20.30 2.82
CA ALA A 139 -0.99 21.72 2.76
C ALA A 139 -0.40 22.54 3.92
N ASP A 140 0.88 22.27 4.20
CA ASP A 140 1.66 22.99 5.20
C ASP A 140 2.96 23.55 4.61
N GLY A 141 3.14 23.42 3.29
CA GLY A 141 4.33 23.89 2.60
C GLY A 141 5.63 23.15 2.89
N ASP A 142 5.54 21.98 3.52
CA ASP A 142 6.71 21.19 3.92
C ASP A 142 6.82 19.98 3.01
N PHE A 143 7.88 19.95 2.20
CA PHE A 143 8.08 18.88 1.22
C PHE A 143 9.11 17.83 1.68
N LYS A 144 9.42 17.81 2.97
CA LYS A 144 10.47 16.94 3.51
C LYS A 144 9.97 15.88 4.50
N HIS A 145 8.68 15.90 4.84
CA HIS A 145 8.10 14.92 5.76
C HIS A 145 8.32 13.50 5.25
N PHE A 146 8.10 13.30 3.96
CA PHE A 146 8.01 11.94 3.43
C PHE A 146 9.38 11.25 3.35
N MET A 147 10.41 12.00 2.98
CA MET A 147 11.78 11.49 3.05
C MET A 147 12.17 11.14 4.49
N LYS A 148 11.79 11.99 5.44
CA LYS A 148 12.08 11.70 6.85
C LYS A 148 11.45 10.38 7.27
N MET A 149 10.22 10.13 6.85
CA MET A 149 9.48 8.91 7.19
C MET A 149 10.17 7.64 6.65
N HIS A 150 11.02 7.79 5.63
CA HIS A 150 11.79 6.67 5.08
C HIS A 150 13.12 6.38 5.81
N GLU A 151 13.47 7.19 6.80
CA GLU A 151 14.79 7.03 7.46
C GLU A 151 15.03 5.63 8.03
N PRO A 152 14.04 5.05 8.73
CA PRO A 152 14.25 3.71 9.31
C PRO A 152 14.36 2.54 8.33
N VAL A 153 13.92 2.74 7.08
CA VAL A 153 13.86 1.66 6.10
C VAL A 153 14.70 1.93 4.84
N THR A 154 15.68 2.82 4.96
CA THR A 154 16.63 3.08 3.88
C THR A 154 18.04 3.20 4.43
N ALA A 155 19.04 2.71 3.68
CA ALA A 155 20.44 2.87 4.08
C ALA A 155 20.99 4.27 3.78
N ALA A 156 20.41 4.92 2.78
CA ALA A 156 20.77 6.29 2.40
C ALA A 156 19.58 6.94 1.68
N ARG A 157 19.47 8.25 1.81
CA ARG A 157 18.44 9.03 1.12
C ARG A 157 18.94 10.40 0.70
N THR A 158 18.39 10.93 -0.38
CA THR A 158 18.81 12.23 -0.89
C THR A 158 17.68 13.01 -1.55
N LEU A 159 17.69 14.33 -1.30
CA LEU A 159 16.91 15.29 -2.09
C LEU A 159 17.86 15.99 -3.05
N LEU A 160 17.69 15.73 -4.35
CA LEU A 160 18.62 16.23 -5.35
C LEU A 160 18.40 17.71 -5.69
N THR A 161 19.49 18.38 -6.01
CA THR A 161 19.51 19.74 -6.55
C THR A 161 20.38 19.67 -7.82
N ALA A 162 20.30 20.70 -8.65
CA ALA A 162 21.13 20.75 -9.86
C ALA A 162 22.61 20.58 -9.55
N GLU A 163 23.09 21.25 -8.50
CA GLU A 163 24.53 21.24 -8.21
C GLU A 163 24.98 20.03 -7.40
N ASN A 164 24.10 19.46 -6.58
CA ASN A 164 24.47 18.28 -5.78
C ASN A 164 24.25 16.92 -6.46
N ALA A 165 23.51 16.92 -7.57
CA ALA A 165 22.93 15.68 -8.15
C ALA A 165 23.94 14.57 -8.41
N THR A 166 25.02 14.86 -9.12
CA THR A 166 25.97 13.81 -9.50
C THR A 166 26.67 13.18 -8.29
N TYR A 167 27.09 13.98 -7.30
CA TYR A 167 27.70 13.43 -6.08
CA TYR A 167 27.70 13.37 -6.11
C TYR A 167 26.67 12.68 -5.22
N GLU A 168 25.47 13.27 -5.11
CA GLU A 168 24.42 12.66 -4.28
C GLU A 168 23.94 11.32 -4.84
N ILE A 169 23.72 11.27 -6.15
CA ILE A 169 23.40 10.00 -6.84
C ILE A 169 24.50 8.98 -6.59
N ASP A 170 25.74 9.39 -6.78
CA ASP A 170 26.85 8.46 -6.59
C ASP A 170 27.01 8.02 -5.13
N ARG A 171 26.79 8.94 -4.20
CA ARG A 171 26.86 8.64 -2.78
C ARG A 171 25.84 7.56 -2.40
N VAL A 172 24.58 7.75 -2.77
CA VAL A 172 23.53 6.84 -2.35
C VAL A 172 23.64 5.49 -3.07
N LEU A 173 24.01 5.50 -4.35
CA LEU A 173 24.18 4.24 -5.07
C LEU A 173 25.45 3.48 -4.64
N SER A 174 26.48 4.21 -4.21
CA SER A 174 27.66 3.56 -3.61
C SER A 174 27.28 2.86 -2.30
N GLN A 175 26.40 3.47 -1.52
CA GLN A 175 25.87 2.85 -0.31
C GLN A 175 25.03 1.61 -0.62
N LEU A 176 24.26 1.65 -1.70
CA LEU A 176 23.55 0.46 -2.16
C LEU A 176 24.55 -0.66 -2.43
N LEU A 177 25.62 -0.36 -3.16
CA LEU A 177 26.70 -1.35 -3.41
C LEU A 177 27.42 -1.83 -2.14
N LYS A 178 27.59 -0.96 -1.15
CA LYS A 178 28.30 -1.32 0.07
C LYS A 178 27.48 -2.25 0.98
N GLU A 179 26.20 -1.93 1.19
CA GLU A 179 25.34 -2.68 2.13
C GLU A 179 24.26 -3.54 1.47
N ARG A 180 23.99 -3.31 0.19
CA ARG A 180 22.92 -3.99 -0.57
C ARG A 180 21.53 -3.85 0.07
N LYS A 181 21.33 -2.74 0.78
CA LYS A 181 20.05 -2.34 1.33
C LYS A 181 19.45 -1.24 0.43
N PRO A 182 18.12 -1.03 0.53
CA PRO A 182 17.49 -0.02 -0.30
C PRO A 182 17.92 1.43 -0.02
N VAL A 183 17.90 2.24 -1.08
CA VAL A 183 18.17 3.66 -0.98
C VAL A 183 17.10 4.45 -1.74
N TYR A 184 17.12 5.77 -1.54
CA TYR A 184 15.97 6.64 -1.85
C TYR A 184 16.46 7.94 -2.47
N ILE A 185 15.92 8.29 -3.63
CA ILE A 185 16.33 9.48 -4.38
C ILE A 185 15.07 10.30 -4.67
N ASN A 186 14.98 11.48 -4.08
CA ASN A 186 13.91 12.43 -4.40
C ASN A 186 14.42 13.34 -5.53
N LEU A 187 13.70 13.33 -6.66
CA LEU A 187 14.11 13.99 -7.90
C LEU A 187 13.08 15.04 -8.34
N PRO A 188 13.31 16.33 -7.98
CA PRO A 188 12.41 17.39 -8.47
C PRO A 188 12.38 17.48 -10.00
N VAL A 189 11.22 17.80 -10.56
CA VAL A 189 11.03 17.88 -12.01
C VAL A 189 12.12 18.66 -12.74
N ASP A 190 12.36 19.90 -12.30
CA ASP A 190 13.37 20.77 -12.94
C ASP A 190 14.81 20.24 -12.82
N VAL A 191 15.09 19.46 -11.77
CA VAL A 191 16.43 18.95 -11.52
C VAL A 191 16.82 17.84 -12.52
N ALA A 192 15.87 16.99 -12.89
CA ALA A 192 16.09 15.93 -13.88
C ALA A 192 16.52 16.48 -15.25
N ALA A 193 15.99 17.66 -15.59
CA ALA A 193 16.29 18.33 -16.86
C ALA A 193 17.55 19.19 -16.83
N ALA A 194 18.12 19.39 -15.63
CA ALA A 194 19.30 20.23 -15.47
C ALA A 194 20.55 19.59 -16.09
N LYS A 195 21.48 20.42 -16.54
CA LYS A 195 22.71 19.94 -17.19
C LYS A 195 23.56 19.11 -16.23
N ALA A 196 24.20 18.08 -16.77
CA ALA A 196 25.19 17.30 -16.05
C ALA A 196 26.26 16.87 -17.04
N GLU A 197 27.33 16.28 -16.53
CA GLU A 197 28.35 15.67 -17.38
C GLU A 197 28.50 14.18 -17.05
N LYS A 198 28.81 13.42 -18.08
CA LYS A 198 28.92 11.97 -18.00
C LYS A 198 29.85 11.54 -16.88
N PRO A 199 29.58 10.39 -16.25
CA PRO A 199 30.50 9.88 -15.23
C PRO A 199 31.90 9.59 -15.79
N ALA A 200 32.93 10.02 -15.05
CA ALA A 200 34.31 9.74 -15.41
C ALA A 200 34.69 8.30 -15.05
N LEU A 201 34.43 7.94 -13.79
CA LEU A 201 34.76 6.62 -13.26
C LEU A 201 33.50 5.83 -12.97
N SER A 202 33.63 4.50 -12.92
CA SER A 202 32.53 3.63 -12.51
C SER A 202 32.36 3.68 -11.00
N LEU A 203 31.21 3.21 -10.52
CA LEU A 203 30.90 3.20 -9.09
C LEU A 203 31.72 2.15 -8.34
N GLU A 204 31.85 0.98 -8.93
CA GLU A 204 32.65 -0.10 -8.35
C GLU A 204 34.13 0.29 -8.25
N ASN A 211 42.39 -4.89 5.47
CA ASN A 211 42.61 -6.25 4.96
C ASN A 211 43.32 -7.14 5.99
N THR A 212 43.86 -6.55 7.05
CA THR A 212 44.57 -7.32 8.08
C THR A 212 43.60 -8.20 8.88
N THR A 213 42.52 -7.59 9.37
CA THR A 213 41.49 -8.35 10.10
C THR A 213 40.76 -9.31 9.16
N GLU A 214 40.63 -8.93 7.89
CA GLU A 214 40.04 -9.80 6.87
C GLU A 214 40.91 -11.03 6.61
N GLN A 215 42.24 -10.85 6.58
CA GLN A 215 43.15 -11.97 6.39
C GLN A 215 43.24 -12.83 7.64
N VAL A 216 43.17 -12.21 8.82
CA VAL A 216 43.11 -12.93 10.09
C VAL A 216 41.86 -13.80 10.16
N ILE A 217 40.71 -13.23 9.78
CA ILE A 217 39.45 -13.99 9.76
C ILE A 217 39.58 -15.21 8.86
N LEU A 218 40.15 -15.04 7.67
CA LEU A 218 40.35 -16.14 6.73
C LEU A 218 41.27 -17.24 7.28
N SER A 219 42.32 -16.85 7.99
CA SER A 219 43.25 -17.80 8.62
C SER A 219 42.58 -18.61 9.73
N LYS A 220 41.76 -17.95 10.54
CA LYS A 220 41.00 -18.64 11.60
C LYS A 220 39.93 -19.59 11.02
N ILE A 221 39.30 -19.19 9.91
CA ILE A 221 38.35 -20.07 9.22
C ILE A 221 39.08 -21.29 8.63
N GLU A 222 40.19 -21.03 7.93
CA GLU A 222 41.02 -22.10 7.36
C GLU A 222 41.50 -23.10 8.41
N GLU A 223 42.02 -22.58 9.51
CA GLU A 223 42.52 -23.39 10.63
C GLU A 223 41.40 -24.26 11.22
N SER A 224 40.25 -23.63 11.46
CA SER A 224 39.11 -24.31 12.06
C SER A 224 38.54 -25.41 11.16
N LEU A 225 38.45 -25.13 9.87
CA LEU A 225 37.95 -26.11 8.90
C LEU A 225 38.88 -27.31 8.78
N LYS A 226 40.18 -27.05 8.74
CA LYS A 226 41.17 -28.12 8.61
C LYS A 226 41.25 -29.01 9.86
N ASN A 227 41.08 -28.41 11.05
CA ASN A 227 41.10 -29.15 12.31
C ASN A 227 39.77 -29.82 12.68
N ALA A 228 38.68 -29.43 12.04
CA ALA A 228 37.36 -29.96 12.39
C ALA A 228 37.15 -31.36 11.85
N GLN A 229 36.57 -32.23 12.67
CA GLN A 229 36.19 -33.58 12.25
C GLN A 229 34.78 -33.61 11.67
N LYS A 230 33.95 -32.65 12.07
CA LYS A 230 32.56 -32.56 11.61
C LYS A 230 32.15 -31.10 11.46
N PRO A 231 32.72 -30.41 10.45
CA PRO A 231 32.36 -29.02 10.22
C PRO A 231 30.98 -28.90 9.55
N VAL A 232 30.31 -27.78 9.78
CA VAL A 232 29.08 -27.48 9.06
C VAL A 232 29.03 -25.99 8.69
N VAL A 233 28.67 -25.73 7.44
CA VAL A 233 28.46 -24.37 6.97
C VAL A 233 26.96 -24.08 6.99
N ILE A 234 26.58 -22.89 7.43
CA ILE A 234 25.20 -22.43 7.35
C ILE A 234 25.16 -21.14 6.53
N ALA A 235 24.48 -21.18 5.39
CA ALA A 235 24.39 -20.01 4.50
C ALA A 235 23.03 -19.35 4.65
N GLY A 236 23.00 -18.03 4.55
CA GLY A 236 21.78 -17.26 4.75
C GLY A 236 21.49 -16.23 3.69
N HIS A 237 20.50 -15.40 3.98
CA HIS A 237 19.95 -14.47 3.01
C HIS A 237 20.92 -13.41 2.53
N GLU A 238 21.89 -13.02 3.35
CA GLU A 238 22.83 -11.96 2.94
C GLU A 238 23.77 -12.42 1.81
N VAL A 239 23.95 -13.74 1.69
CA VAL A 239 24.63 -14.32 0.53
C VAL A 239 23.86 -13.98 -0.75
N ILE A 240 22.53 -14.14 -0.69
CA ILE A 240 21.65 -13.80 -1.81
C ILE A 240 21.65 -12.29 -2.09
N SER A 241 21.68 -11.47 -1.05
CA SER A 241 21.74 -10.01 -1.15
C SER A 241 22.90 -9.53 -2.02
N PHE A 242 24.05 -10.20 -1.86
CA PHE A 242 25.28 -9.83 -2.56
C PHE A 242 25.54 -10.62 -3.85
N GLY A 243 24.65 -11.55 -4.18
CA GLY A 243 24.81 -12.38 -5.36
C GLY A 243 26.01 -13.30 -5.25
N LEU A 244 26.25 -13.80 -4.03
CA LEU A 244 27.41 -14.64 -3.73
C LEU A 244 27.06 -16.13 -3.74
N GLU A 245 25.87 -16.50 -4.22
CA GLU A 245 25.41 -17.90 -4.18
C GLU A 245 26.35 -18.83 -4.95
N LYS A 246 26.74 -18.41 -6.17
CA LYS A 246 27.59 -19.23 -7.02
C LYS A 246 28.97 -19.40 -6.41
N THR A 247 29.45 -18.35 -5.74
CA THR A 247 30.75 -18.32 -5.06
C THR A 247 30.78 -19.30 -3.89
N VAL A 248 29.73 -19.27 -3.06
CA VAL A 248 29.61 -20.17 -1.91
C VAL A 248 29.41 -21.63 -2.38
N THR A 249 28.58 -21.82 -3.41
CA THR A 249 28.35 -23.13 -4.01
C THR A 249 29.66 -23.77 -4.49
N GLN A 250 30.49 -22.99 -5.18
CA GLN A 250 31.79 -23.45 -5.67
C GLN A 250 32.73 -23.83 -4.52
N PHE A 251 32.80 -22.98 -3.50
CA PHE A 251 33.60 -23.25 -2.30
C PHE A 251 33.21 -24.59 -1.67
N VAL A 252 31.93 -24.78 -1.49
CA VAL A 252 31.41 -25.98 -0.85
C VAL A 252 31.59 -27.22 -1.75
N SER A 253 31.42 -27.03 -3.06
CA SER A 253 31.62 -28.12 -4.01
CA SER A 253 31.63 -28.13 -4.02
C SER A 253 33.07 -28.63 -3.93
N GLU A 254 34.02 -27.71 -3.96
CA GLU A 254 35.45 -28.05 -3.99
C GLU A 254 35.95 -28.67 -2.67
N THR A 255 35.45 -28.16 -1.54
CA THR A 255 35.85 -28.63 -0.20
C THR A 255 35.05 -29.81 0.34
N LYS A 256 33.90 -30.09 -0.28
CA LYS A 256 32.96 -31.15 0.14
C LYS A 256 32.33 -30.92 1.53
N LEU A 257 32.39 -29.69 2.03
CA LEU A 257 31.95 -29.40 3.41
C LEU A 257 30.44 -29.54 3.54
N PRO A 258 29.97 -30.17 4.63
CA PRO A 258 28.52 -30.21 4.84
C PRO A 258 27.94 -28.80 4.93
N ILE A 259 26.77 -28.58 4.32
CA ILE A 259 26.13 -27.27 4.31
C ILE A 259 24.60 -27.38 4.46
N THR A 260 24.04 -26.41 5.18
CA THR A 260 22.60 -26.28 5.37
C THR A 260 22.26 -24.81 5.21
N THR A 261 20.98 -24.53 5.01
CA THR A 261 20.47 -23.16 5.07
C THR A 261 19.24 -23.14 5.96
N LEU A 262 18.90 -21.93 6.40
CA LEU A 262 17.59 -21.71 6.99
C LEU A 262 16.60 -21.54 5.83
N ASN A 263 15.31 -21.51 6.14
CA ASN A 263 14.32 -21.16 5.14
C ASN A 263 14.36 -19.64 4.80
N PHE A 264 15.01 -18.87 5.67
CA PHE A 264 15.37 -17.47 5.42
C PHE A 264 16.74 -17.45 4.74
N GLY A 265 16.72 -17.33 3.42
CA GLY A 265 17.92 -17.49 2.60
C GLY A 265 17.98 -18.84 1.89
N LYS A 266 16.84 -19.54 1.78
CA LYS A 266 16.78 -20.79 1.01
C LYS A 266 17.26 -20.51 -0.44
N SER A 267 18.13 -21.39 -0.93
CA SER A 267 18.82 -21.27 -2.22
C SER A 267 20.02 -20.30 -2.21
N ALA A 268 20.49 -19.93 -1.00
CA ALA A 268 21.77 -19.24 -0.82
C ALA A 268 22.92 -20.10 -1.38
N VAL A 269 22.72 -21.41 -1.42
CA VAL A 269 23.59 -22.33 -2.16
C VAL A 269 22.75 -23.26 -3.02
N ASP A 270 23.39 -23.90 -4.00
CA ASP A 270 22.71 -24.90 -4.83
C ASP A 270 22.37 -26.16 -4.01
N GLU A 271 21.10 -26.48 -3.93
CA GLU A 271 20.65 -27.62 -3.12
C GLU A 271 20.97 -28.99 -3.74
N SER A 272 21.50 -29.01 -4.97
CA SER A 272 21.94 -30.27 -5.59
C SER A 272 23.36 -30.67 -5.19
N LEU A 273 24.11 -29.75 -4.56
CA LEU A 273 25.41 -30.10 -3.96
C LEU A 273 25.27 -31.41 -3.16
N PRO A 274 26.18 -32.38 -3.37
CA PRO A 274 26.08 -33.62 -2.59
C PRO A 274 26.18 -33.45 -1.06
N SER A 275 26.84 -32.39 -0.61
CA SER A 275 26.97 -32.11 0.83
C SER A 275 25.87 -31.19 1.41
N PHE A 276 24.88 -30.83 0.59
CA PHE A 276 23.72 -30.10 1.10
C PHE A 276 22.83 -31.05 1.91
N LEU A 277 22.60 -30.71 3.17
CA LEU A 277 21.88 -31.57 4.12
C LEU A 277 20.36 -31.37 4.07
N GLY A 278 19.92 -30.15 3.76
CA GLY A 278 18.52 -29.78 3.89
C GLY A 278 18.39 -28.48 4.66
N ILE A 279 17.16 -28.16 5.06
CA ILE A 279 16.86 -26.90 5.74
C ILE A 279 16.84 -27.09 7.26
N TYR A 280 17.67 -26.32 7.95
CA TYR A 280 17.70 -26.35 9.41
C TYR A 280 16.66 -25.36 9.92
N ASN A 281 15.73 -25.85 10.73
CA ASN A 281 14.64 -25.03 11.28
C ASN A 281 14.40 -25.41 12.74
N GLY A 282 15.46 -25.32 13.54
CA GLY A 282 15.39 -25.63 14.95
C GLY A 282 14.79 -27.01 15.20
N LYS A 283 13.90 -27.11 16.18
CA LYS A 283 13.36 -28.40 16.58
C LYS A 283 12.42 -28.99 15.54
N LEU A 284 12.03 -28.18 14.55
CA LEU A 284 11.19 -28.65 13.44
C LEU A 284 12.01 -29.24 12.28
N SER A 285 13.34 -29.24 12.39
CA SER A 285 14.22 -29.90 11.42
C SER A 285 13.99 -31.41 11.38
N GLU A 286 14.23 -32.01 10.21
CA GLU A 286 14.32 -33.46 10.10
C GLU A 286 15.38 -33.96 11.11
N ILE A 287 15.11 -35.09 11.76
CA ILE A 287 15.91 -35.51 12.92
C ILE A 287 17.41 -35.71 12.61
N SER A 288 17.74 -36.38 11.51
CA SER A 288 19.15 -36.62 11.18
C SER A 288 19.88 -35.32 10.87
N LEU A 289 19.19 -34.37 10.22
CA LEU A 289 19.78 -33.06 9.92
C LEU A 289 20.04 -32.30 11.22
N LYS A 290 19.02 -32.23 12.07
CA LYS A 290 19.11 -31.61 13.39
C LYS A 290 20.30 -32.14 14.19
N ASN A 291 20.41 -33.46 14.29
CA ASN A 291 21.50 -34.09 15.03
C ASN A 291 22.88 -33.75 14.44
N PHE A 292 22.98 -33.71 13.12
CA PHE A 292 24.26 -33.40 12.46
C PHE A 292 24.69 -31.98 12.78
N VAL A 293 23.80 -31.03 12.50
CA VAL A 293 24.11 -29.60 12.70
C VAL A 293 24.45 -29.29 14.16
N GLU A 294 23.67 -29.84 15.08
CA GLU A 294 23.81 -29.56 16.51
C GLU A 294 24.96 -30.34 17.19
N SER A 295 25.53 -31.33 16.49
CA SER A 295 26.73 -32.05 16.98
C SER A 295 28.03 -31.65 16.25
N ALA A 296 27.93 -30.77 15.26
CA ALA A 296 29.11 -30.28 14.55
C ALA A 296 30.14 -29.69 15.52
N ASP A 297 31.42 -29.94 15.28
CA ASP A 297 32.47 -29.38 16.14
C ASP A 297 32.96 -27.98 15.72
N PHE A 298 32.56 -27.54 14.53
CA PHE A 298 32.80 -26.17 14.07
C PHE A 298 31.65 -25.72 13.18
N ILE A 299 31.16 -24.50 13.42
CA ILE A 299 30.08 -23.90 12.61
C ILE A 299 30.56 -22.60 11.95
N LEU A 300 30.45 -22.55 10.62
CA LEU A 300 30.67 -21.32 9.86
C LEU A 300 29.33 -20.81 9.33
N MET A 301 28.83 -19.71 9.89
CA MET A 301 27.61 -19.06 9.39
C MET A 301 27.96 -17.91 8.44
N LEU A 302 27.39 -17.95 7.24
CA LEU A 302 27.63 -16.91 6.23
C LEU A 302 26.32 -16.18 5.91
N GLY A 303 26.18 -14.97 6.44
CA GLY A 303 25.04 -14.10 6.10
C GLY A 303 23.70 -14.53 6.66
N VAL A 304 23.72 -15.11 7.85
CA VAL A 304 22.55 -15.73 8.46
C VAL A 304 21.93 -14.81 9.52
N LYS A 305 20.60 -14.76 9.57
CA LYS A 305 19.88 -14.15 10.70
C LYS A 305 18.83 -15.13 11.20
N LEU A 306 18.84 -15.35 12.50
CA LEU A 306 17.99 -16.34 13.16
C LEU A 306 16.71 -15.67 13.61
N THR A 307 15.60 -15.97 12.91
CA THR A 307 14.31 -15.33 13.16
C THR A 307 13.28 -16.39 13.61
N ASP A 308 12.11 -15.95 14.05
CA ASP A 308 11.12 -16.91 14.59
C ASP A 308 10.72 -18.00 13.59
N SER A 309 10.38 -17.60 12.37
CA SER A 309 9.89 -18.54 11.35
C SER A 309 10.98 -19.43 10.75
N SER A 310 12.25 -19.05 10.94
CA SER A 310 13.40 -19.78 10.39
C SER A 310 14.20 -20.59 11.42
N THR A 311 13.69 -20.65 12.66
CA THR A 311 14.35 -21.40 13.74
C THR A 311 13.38 -22.22 14.58
N GLY A 312 12.20 -22.53 14.03
CA GLY A 312 11.17 -23.26 14.76
C GLY A 312 10.83 -22.56 16.06
N ALA A 313 10.67 -21.23 15.97
CA ALA A 313 10.35 -20.37 17.10
C ALA A 313 11.48 -20.35 18.14
N PHE A 314 12.69 -20.14 17.65
CA PHE A 314 13.89 -19.99 18.48
C PHE A 314 14.25 -21.27 19.27
N THR A 315 14.11 -22.42 18.62
CA THR A 315 14.44 -23.73 19.22
C THR A 315 15.71 -24.34 18.59
N HIS A 316 16.50 -23.48 17.96
CA HIS A 316 17.82 -23.85 17.45
C HIS A 316 18.83 -24.05 18.60
N HIS A 317 19.86 -24.86 18.34
CA HIS A 317 20.97 -25.05 19.27
C HIS A 317 22.28 -24.87 18.50
N LEU A 318 22.74 -23.64 18.42
CA LEU A 318 23.96 -23.30 17.68
C LEU A 318 24.97 -22.67 18.65
N ASP A 319 26.03 -23.42 18.94
CA ASP A 319 27.00 -23.03 19.98
C ASP A 319 27.97 -21.96 19.50
N GLU A 320 27.79 -20.73 19.98
CA GLU A 320 28.69 -19.62 19.71
C GLU A 320 30.18 -19.92 20.00
N ASN A 321 30.44 -20.78 20.98
CA ASN A 321 31.82 -21.16 21.34
C ASN A 321 32.55 -21.96 20.26
N LYS A 322 31.78 -22.57 19.36
CA LYS A 322 32.33 -23.39 18.26
C LYS A 322 32.05 -22.73 16.90
N MET A 323 31.81 -21.42 16.89
CA MET A 323 31.28 -20.75 15.70
C MET A 323 32.11 -19.57 15.26
N ILE A 324 32.26 -19.42 13.94
CA ILE A 324 32.64 -18.18 13.32
C ILE A 324 31.46 -17.74 12.45
N SER A 325 30.83 -16.62 12.79
CA SER A 325 29.73 -16.08 11.98
C SER A 325 30.16 -14.80 11.28
N LEU A 326 29.77 -14.66 10.01
CA LEU A 326 30.04 -13.47 9.24
C LEU A 326 28.71 -12.91 8.73
N ASN A 327 28.45 -11.63 9.04
CA ASN A 327 27.31 -10.92 8.52
C ASN A 327 27.78 -9.59 7.88
N ILE A 328 26.86 -8.93 7.18
CA ILE A 328 27.18 -7.64 6.56
C ILE A 328 27.67 -6.62 7.58
N ASP A 329 27.03 -6.55 8.75
CA ASP A 329 27.37 -5.48 9.71
CA ASP A 329 27.30 -5.50 9.76
C ASP A 329 28.32 -5.92 10.83
N GLU A 330 28.50 -7.23 11.01
CA GLU A 330 29.46 -7.71 12.01
C GLU A 330 29.83 -9.17 11.84
N GLY A 331 30.93 -9.55 12.47
CA GLY A 331 31.38 -10.94 12.54
C GLY A 331 31.64 -11.30 13.98
N ILE A 332 31.44 -12.57 14.32
CA ILE A 332 31.71 -13.09 15.66
C ILE A 332 32.66 -14.28 15.49
N ILE A 333 33.89 -14.12 15.97
CA ILE A 333 34.94 -15.15 15.83
C ILE A 333 35.12 -15.79 17.20
N PHE A 334 34.46 -16.94 17.40
CA PHE A 334 34.50 -17.62 18.69
C PHE A 334 34.27 -16.60 19.82
N ASN A 335 33.15 -15.89 19.73
CA ASN A 335 32.67 -14.93 20.74
C ASN A 335 33.28 -13.53 20.71
N LYS A 336 34.31 -13.33 19.89
CA LYS A 336 34.91 -12.00 19.73
C LYS A 336 34.20 -11.26 18.60
N VAL A 337 33.52 -10.18 18.94
CA VAL A 337 32.81 -9.37 17.94
C VAL A 337 33.81 -8.51 17.18
N VAL A 338 33.71 -8.53 15.85
CA VAL A 338 34.51 -7.65 14.98
C VAL A 338 33.57 -6.93 14.02
N GLU A 339 33.90 -5.67 13.71
CA GLU A 339 33.12 -4.88 12.76
C GLU A 339 33.95 -4.36 11.57
N ASP A 340 35.28 -4.40 11.68
CA ASP A 340 36.15 -3.77 10.67
C ASP A 340 36.54 -4.72 9.53
N PHE A 341 35.53 -5.18 8.78
CA PHE A 341 35.76 -6.07 7.65
C PHE A 341 34.66 -5.92 6.61
N ASP A 342 34.95 -6.32 5.38
CA ASP A 342 33.97 -6.36 4.30
C ASP A 342 33.48 -7.78 4.05
N PHE A 343 32.20 -8.02 4.35
CA PHE A 343 31.54 -9.32 4.18
C PHE A 343 31.77 -9.95 2.80
N ARG A 344 31.53 -9.17 1.74
CA ARG A 344 31.71 -9.67 0.38
C ARG A 344 33.17 -10.06 0.11
N ALA A 345 34.11 -9.22 0.55
CA ALA A 345 35.54 -9.47 0.37
C ALA A 345 35.96 -10.78 1.03
N VAL A 346 35.48 -11.01 2.26
CA VAL A 346 35.85 -12.23 2.99
C VAL A 346 35.26 -13.49 2.35
N VAL A 347 33.99 -13.43 1.97
CA VAL A 347 33.33 -14.59 1.35
C VAL A 347 33.94 -14.93 0.00
N SER A 348 34.29 -13.90 -0.77
CA SER A 348 34.90 -14.09 -2.09
CA SER A 348 34.90 -14.08 -2.08
C SER A 348 36.33 -14.62 -2.01
N SER A 349 36.98 -14.44 -0.86
CA SER A 349 38.35 -14.95 -0.66
C SER A 349 38.41 -16.37 -0.05
N LEU A 350 37.25 -17.00 0.14
CA LEU A 350 37.19 -18.37 0.68
C LEU A 350 37.78 -19.41 -0.28
N SER A 351 37.70 -19.19 -1.60
CA SER A 351 38.30 -20.13 -2.54
C SER A 351 39.78 -19.79 -2.87
N GLU A 352 40.38 -18.89 -2.10
CA GLU A 352 41.84 -18.81 -2.03
C GLU A 352 42.37 -19.84 -1.02
N LEU A 353 41.46 -20.41 -0.23
CA LEU A 353 41.83 -21.43 0.75
C LEU A 353 41.98 -22.76 0.03
N LYS A 354 43.15 -23.37 0.22
CA LYS A 354 43.50 -24.62 -0.42
C LYS A 354 43.67 -25.74 0.60
N GLY A 355 43.41 -26.96 0.18
CA GLY A 355 43.68 -28.13 1.01
C GLY A 355 42.60 -28.47 2.03
N ILE A 356 41.45 -27.81 1.94
CA ILE A 356 40.31 -28.15 2.79
C ILE A 356 39.48 -29.22 2.09
N GLU A 357 39.37 -30.38 2.73
CA GLU A 357 38.59 -31.49 2.16
C GLU A 357 37.93 -32.33 3.26
N TYR A 358 36.60 -32.24 3.33
CA TYR A 358 35.83 -33.07 4.26
C TYR A 358 35.80 -34.53 3.78
N GLU A 359 36.14 -35.44 4.69
CA GLU A 359 36.25 -36.87 4.37
C GLU A 359 35.20 -37.71 5.09
N GLY A 360 34.27 -37.07 5.79
CA GLY A 360 33.24 -37.79 6.55
C GLY A 360 31.98 -38.07 5.74
N GLN A 361 30.94 -38.48 6.46
CA GLN A 361 29.64 -38.76 5.88
C GLN A 361 28.74 -37.53 6.01
N TYR A 362 27.64 -37.53 5.25
CA TYR A 362 26.59 -36.54 5.42
C TYR A 362 25.42 -37.29 6.08
N ILE A 363 24.20 -37.08 5.61
CA ILE A 363 23.04 -37.79 6.13
C ILE A 363 22.35 -38.50 4.99
N ASP A 364 21.48 -39.46 5.32
CA ASP A 364 20.78 -40.25 4.30
C ASP A 364 19.80 -39.38 3.53
N LYS A 365 19.90 -39.40 2.20
CA LYS A 365 18.98 -38.68 1.34
C LYS A 365 17.82 -39.60 1.00
N GLN A 366 16.61 -39.21 1.42
CA GLN A 366 15.42 -40.00 1.10
C GLN A 366 15.15 -39.96 -0.40
N TYR A 367 14.64 -41.08 -0.92
CA TYR A 367 14.34 -41.21 -2.35
C TYR A 367 13.10 -40.37 -2.71
N GLU A 368 13.21 -39.60 -3.81
CA GLU A 368 12.12 -38.72 -4.24
C GLU A 368 11.32 -39.33 -5.40
N GLU A 369 10.07 -39.67 -5.10
CA GLU A 369 9.14 -40.19 -6.09
C GLU A 369 7.73 -39.73 -5.75
N PHE A 370 6.91 -39.51 -6.77
CA PHE A 370 5.49 -39.22 -6.57
C PHE A 370 4.66 -40.01 -7.57
N ILE A 371 3.82 -40.88 -7.04
CA ILE A 371 2.91 -41.72 -7.84
C ILE A 371 1.49 -41.21 -7.60
N PRO A 372 0.90 -40.50 -8.58
CA PRO A 372 -0.42 -39.92 -8.32
C PRO A 372 -1.54 -40.96 -8.25
N SER A 373 -2.60 -40.60 -7.53
CA SER A 373 -3.84 -41.37 -7.51
C SER A 373 -5.01 -40.45 -7.87
N SER A 374 -6.23 -40.99 -7.82
CA SER A 374 -7.43 -40.18 -8.05
C SER A 374 -7.87 -39.43 -6.81
N ALA A 375 -7.10 -39.52 -5.72
CA ALA A 375 -7.48 -38.91 -4.45
C ALA A 375 -7.55 -37.38 -4.56
N PRO A 376 -8.45 -36.75 -3.78
CA PRO A 376 -8.45 -35.29 -3.74
C PRO A 376 -7.09 -34.77 -3.24
N LEU A 377 -6.69 -33.61 -3.73
CA LEU A 377 -5.41 -33.00 -3.34
C LEU A 377 -5.34 -32.76 -1.84
N SER A 378 -4.21 -33.14 -1.25
CA SER A 378 -3.89 -32.80 0.14
C SER A 378 -2.56 -32.06 0.18
N GLN A 379 -2.35 -31.30 1.27
CA GLN A 379 -1.17 -30.44 1.40
C GLN A 379 0.13 -31.23 1.35
N ASP A 380 0.24 -32.26 2.19
CA ASP A 380 1.50 -33.01 2.25
C ASP A 380 1.85 -33.66 0.92
N ARG A 381 0.85 -34.22 0.24
CA ARG A 381 1.06 -34.83 -1.07
C ARG A 381 1.36 -33.80 -2.15
N LEU A 382 0.74 -32.62 -2.06
CA LEU A 382 1.00 -31.53 -2.99
C LEU A 382 2.49 -31.19 -3.03
N TRP A 383 3.11 -31.03 -1.86
CA TRP A 383 4.51 -30.62 -1.80
C TRP A 383 5.45 -31.76 -2.20
N GLN A 384 5.06 -33.01 -1.94
CA GLN A 384 5.79 -34.16 -2.46
CA GLN A 384 5.78 -34.16 -2.47
C GLN A 384 5.79 -34.14 -3.99
N ALA A 385 4.63 -33.86 -4.59
CA ALA A 385 4.50 -33.78 -6.04
C ALA A 385 5.32 -32.62 -6.63
N VAL A 386 5.27 -31.45 -5.99
CA VAL A 386 6.05 -30.29 -6.47
C VAL A 386 7.56 -30.59 -6.45
N GLU A 387 8.02 -31.21 -5.38
CA GLU A 387 9.43 -31.59 -5.23
C GLU A 387 9.87 -32.50 -6.37
N SER A 388 9.06 -33.50 -6.67
CA SER A 388 9.35 -34.47 -7.70
C SER A 388 9.33 -33.83 -9.09
N LEU A 389 8.30 -33.03 -9.36
CA LEU A 389 8.06 -32.50 -10.70
C LEU A 389 8.77 -31.20 -11.03
N THR A 390 9.29 -30.47 -10.03
CA THR A 390 10.07 -29.26 -10.33
C THR A 390 11.40 -29.67 -10.96
N GLN A 391 11.84 -28.89 -11.94
CA GLN A 391 13.01 -29.20 -12.75
C GLN A 391 14.21 -28.34 -12.37
N SER A 392 15.33 -28.60 -13.03
CA SER A 392 16.51 -27.73 -12.95
CA SER A 392 16.51 -27.73 -12.94
C SER A 392 16.21 -26.38 -13.61
N ASN A 393 16.99 -25.37 -13.23
CA ASN A 393 16.84 -24.02 -13.76
C ASN A 393 15.41 -23.47 -13.64
N GLU A 394 14.80 -23.68 -12.48
CA GLU A 394 13.49 -23.07 -12.18
C GLU A 394 13.59 -22.28 -10.88
N THR A 395 12.73 -21.29 -10.72
CA THR A 395 12.64 -20.50 -9.50
C THR A 395 11.26 -20.74 -8.84
N ILE A 396 11.27 -21.25 -7.60
CA ILE A 396 10.04 -21.45 -6.84
C ILE A 396 9.81 -20.24 -5.92
N VAL A 397 8.63 -19.65 -6.02
CA VAL A 397 8.26 -18.49 -5.19
C VAL A 397 7.06 -18.93 -4.34
N ALA A 398 7.16 -18.78 -3.01
CA ALA A 398 6.15 -19.33 -2.10
C ALA A 398 5.72 -18.33 -1.03
N GLU A 399 4.41 -18.12 -0.94
CA GLU A 399 3.82 -17.08 -0.08
C GLU A 399 3.62 -17.58 1.35
N GLN A 400 3.72 -16.65 2.30
CA GLN A 400 3.40 -16.93 3.70
C GLN A 400 1.99 -17.53 3.77
N GLY A 401 1.87 -18.62 4.52
CA GLY A 401 0.72 -19.51 4.46
C GLY A 401 1.17 -20.94 4.21
N THR A 402 0.23 -21.81 3.89
CA THR A 402 0.57 -23.21 3.57
C THR A 402 1.67 -23.34 2.49
N SER A 403 1.69 -22.43 1.51
CA SER A 403 2.66 -22.45 0.42
C SER A 403 4.12 -22.33 0.91
N PHE A 404 4.43 -21.29 1.68
CA PHE A 404 5.81 -21.13 2.18
C PHE A 404 6.23 -22.33 3.01
N PHE A 405 5.41 -22.70 3.98
CA PHE A 405 5.82 -23.72 4.93
C PHE A 405 5.92 -25.11 4.30
N GLY A 406 5.07 -25.40 3.32
CA GLY A 406 5.18 -26.64 2.54
C GLY A 406 6.34 -26.67 1.56
N ALA A 407 6.49 -25.60 0.78
CA ALA A 407 7.54 -25.54 -0.23
C ALA A 407 8.94 -25.35 0.36
N SER A 408 9.02 -24.78 1.58
CA SER A 408 10.31 -24.49 2.22
C SER A 408 11.23 -25.72 2.35
N THR A 409 10.64 -26.91 2.54
CA THR A 409 11.45 -28.12 2.77
C THR A 409 11.74 -28.94 1.51
N ILE A 410 11.26 -28.51 0.35
CA ILE A 410 11.52 -29.29 -0.87
CA ILE A 410 11.51 -29.20 -0.93
C ILE A 410 12.98 -29.13 -1.30
N PHE A 411 13.55 -30.25 -1.76
CA PHE A 411 14.92 -30.23 -2.30
C PHE A 411 14.87 -29.74 -3.75
N LEU A 412 15.53 -28.61 -3.98
CA LEU A 412 15.64 -28.02 -5.30
C LEU A 412 16.68 -28.76 -6.13
N LYS A 413 16.49 -28.73 -7.44
CA LYS A 413 17.43 -29.32 -8.39
C LYS A 413 18.51 -28.34 -8.81
N SER A 414 19.40 -28.78 -9.70
CA SER A 414 20.54 -27.97 -10.12
CA SER A 414 20.55 -27.97 -10.13
C SER A 414 20.13 -26.60 -10.68
N ASN A 415 20.87 -25.56 -10.28
CA ASN A 415 20.65 -24.17 -10.67
C ASN A 415 19.23 -23.64 -10.42
N SER A 416 18.50 -24.28 -9.53
CA SER A 416 17.18 -23.81 -9.16
C SER A 416 17.26 -22.90 -7.94
N ARG A 417 16.27 -22.03 -7.83
CA ARG A 417 16.25 -20.99 -6.82
C ARG A 417 14.92 -20.91 -6.09
N PHE A 418 14.89 -20.14 -5.01
CA PHE A 418 13.71 -20.00 -4.17
C PHE A 418 13.57 -18.54 -3.74
N ILE A 419 12.35 -18.04 -3.75
CA ILE A 419 12.02 -16.74 -3.15
C ILE A 419 10.90 -16.93 -2.13
N GLY A 420 11.22 -16.57 -0.89
CA GLY A 420 10.27 -16.51 0.21
C GLY A 420 10.69 -15.34 1.09
N GLN A 421 9.76 -14.83 1.90
CA GLN A 421 9.99 -13.63 2.69
C GLN A 421 9.61 -13.89 4.16
N PRO A 422 10.32 -14.81 4.85
CA PRO A 422 9.90 -15.21 6.20
C PRO A 422 10.09 -14.17 7.31
N LEU A 423 11.00 -13.22 7.13
CA LEU A 423 11.22 -12.18 8.15
C LEU A 423 10.15 -11.10 8.06
N TRP A 424 10.11 -10.40 6.92
CA TRP A 424 9.12 -9.33 6.77
C TRP A 424 7.72 -9.92 6.66
N GLY A 425 7.55 -10.93 5.81
CA GLY A 425 6.33 -11.74 5.78
C GLY A 425 5.04 -11.01 5.43
N SER A 426 5.09 -10.18 4.39
CA SER A 426 3.96 -9.39 3.93
C SER A 426 3.16 -10.17 2.89
N ILE A 427 1.97 -10.66 3.25
CA ILE A 427 1.21 -11.46 2.29
C ILE A 427 0.81 -10.64 1.07
N GLY A 428 0.89 -11.28 -0.10
CA GLY A 428 0.63 -10.63 -1.38
C GLY A 428 1.93 -10.30 -2.10
N TYR A 429 3.01 -10.16 -1.33
CA TYR A 429 4.33 -9.87 -1.88
C TYR A 429 4.68 -10.75 -3.09
N THR A 430 4.41 -12.05 -2.98
CA THR A 430 4.99 -13.03 -3.89
C THR A 430 4.48 -12.96 -5.31
N PHE A 431 3.28 -12.42 -5.52
CA PHE A 431 2.74 -12.38 -6.88
C PHE A 431 3.50 -11.34 -7.73
N PRO A 432 3.52 -10.06 -7.32
CA PRO A 432 4.39 -9.14 -8.06
C PRO A 432 5.87 -9.52 -8.02
N ALA A 433 6.34 -10.01 -6.87
CA ALA A 433 7.74 -10.41 -6.74
C ALA A 433 8.13 -11.50 -7.75
N ALA A 434 7.28 -12.53 -7.91
CA ALA A 434 7.53 -13.61 -8.87
C ALA A 434 7.65 -13.05 -10.30
N LEU A 435 6.79 -12.08 -10.62
CA LEU A 435 6.80 -11.45 -11.94
C LEU A 435 8.07 -10.62 -12.16
N GLY A 436 8.51 -9.87 -11.15
CA GLY A 436 9.74 -9.10 -11.24
C GLY A 436 10.97 -10.00 -11.41
N SER A 437 11.01 -11.09 -10.64
CA SER A 437 12.09 -12.08 -10.74
C SER A 437 12.10 -12.77 -12.11
N GLN A 438 10.92 -13.12 -12.61
CA GLN A 438 10.75 -13.72 -13.95
C GLN A 438 11.23 -12.80 -15.06
N ILE A 439 10.97 -11.50 -14.93
CA ILE A 439 11.50 -10.50 -15.86
C ILE A 439 13.02 -10.40 -15.76
N ALA A 440 13.56 -10.47 -14.54
CA ALA A 440 15.01 -10.41 -14.28
C ALA A 440 15.80 -11.56 -14.93
N ASP A 441 15.23 -12.77 -14.91
CA ASP A 441 15.81 -13.94 -15.58
C ASP A 441 14.77 -14.71 -16.37
N LYS A 442 14.64 -14.34 -17.64
CA LYS A 442 13.65 -14.95 -18.51
C LYS A 442 13.96 -16.42 -18.83
N GLU A 443 15.20 -16.85 -18.56
CA GLU A 443 15.64 -18.23 -18.78
C GLU A 443 15.35 -19.17 -17.62
N SER A 444 14.92 -18.63 -16.48
CA SER A 444 14.56 -19.44 -15.31
C SER A 444 13.05 -19.43 -15.16
N ARG A 445 12.42 -20.58 -15.42
CA ARG A 445 10.95 -20.68 -15.33
C ARG A 445 10.52 -20.53 -13.88
N HIS A 446 9.65 -19.56 -13.63
CA HIS A 446 9.12 -19.33 -12.29
C HIS A 446 7.83 -20.09 -12.02
N LEU A 447 7.81 -20.78 -10.88
CA LEU A 447 6.62 -21.43 -10.35
C LEU A 447 6.20 -20.68 -9.07
N LEU A 448 5.03 -20.07 -9.11
CA LEU A 448 4.48 -19.33 -7.97
C LEU A 448 3.42 -20.16 -7.25
N PHE A 449 3.58 -20.26 -5.93
CA PHE A 449 2.59 -20.82 -5.05
C PHE A 449 2.12 -19.71 -4.10
N ILE A 450 0.88 -19.27 -4.30
CA ILE A 450 0.28 -18.18 -3.52
C ILE A 450 -1.12 -18.57 -3.03
N GLY A 451 -1.47 -18.16 -1.82
CA GLY A 451 -2.77 -18.47 -1.25
C GLY A 451 -3.87 -17.58 -1.78
N ASP A 452 -5.11 -18.06 -1.71
CA ASP A 452 -6.28 -17.25 -2.08
C ASP A 452 -6.32 -15.92 -1.31
N GLY A 453 -6.08 -15.97 -0.01
CA GLY A 453 -6.12 -14.80 0.85
C GLY A 453 -5.06 -13.79 0.47
N SER A 454 -3.88 -14.29 0.11
CA SER A 454 -2.73 -13.44 -0.26
C SER A 454 -2.85 -12.84 -1.66
N LEU A 455 -3.32 -13.64 -2.63
CA LEU A 455 -3.56 -13.12 -3.98
C LEU A 455 -4.48 -11.90 -4.00
N GLN A 456 -5.48 -11.89 -3.11
CA GLN A 456 -6.44 -10.79 -3.09
C GLN A 456 -5.81 -9.42 -2.78
N LEU A 457 -4.61 -9.41 -2.20
CA LEU A 457 -3.94 -8.14 -1.88
C LEU A 457 -3.28 -7.48 -3.09
N THR A 458 -2.87 -8.28 -4.08
CA THR A 458 -1.98 -7.81 -5.17
C THR A 458 -2.39 -8.28 -6.58
N VAL A 459 -3.62 -8.78 -6.71
CA VAL A 459 -4.13 -9.41 -7.94
C VAL A 459 -4.05 -8.54 -9.21
N GLN A 460 -4.05 -7.22 -9.06
CA GLN A 460 -4.06 -6.32 -10.23
C GLN A 460 -2.83 -6.37 -11.14
N GLU A 461 -1.71 -6.96 -10.70
CA GLU A 461 -0.53 -7.09 -11.60
C GLU A 461 -0.68 -8.19 -12.65
N LEU A 462 -1.79 -8.92 -12.60
CA LEU A 462 -2.19 -9.83 -13.68
C LEU A 462 -2.20 -9.10 -15.04
N GLY A 463 -2.65 -7.84 -15.07
CA GLY A 463 -2.61 -7.04 -16.30
C GLY A 463 -1.22 -6.86 -16.90
N LEU A 464 -0.26 -6.51 -16.04
CA LEU A 464 1.14 -6.40 -16.42
C LEU A 464 1.68 -7.73 -16.97
N SER A 465 1.34 -8.84 -16.31
CA SER A 465 1.81 -10.17 -16.72
C SER A 465 1.34 -10.50 -18.14
N ILE A 466 0.15 -10.05 -18.47
CA ILE A 466 -0.45 -10.24 -19.80
C ILE A 466 0.23 -9.34 -20.83
N ARG A 467 0.33 -8.04 -20.51
CA ARG A 467 0.96 -7.07 -21.41
C ARG A 467 2.41 -7.43 -21.73
N GLU A 468 3.15 -7.88 -20.71
CA GLU A 468 4.57 -8.22 -20.85
C GLU A 468 4.81 -9.62 -21.42
N LYS A 469 3.75 -10.40 -21.59
CA LYS A 469 3.80 -11.76 -22.12
C LYS A 469 4.73 -12.66 -21.32
N LEU A 470 4.62 -12.57 -20.00
CA LEU A 470 5.42 -13.40 -19.10
C LEU A 470 4.80 -14.79 -19.05
N ASN A 471 5.64 -15.81 -18.89
CA ASN A 471 5.20 -17.20 -18.95
C ASN A 471 5.43 -18.03 -17.70
N PRO A 472 5.17 -17.47 -16.51
CA PRO A 472 5.31 -18.28 -15.30
C PRO A 472 4.18 -19.30 -15.14
N ILE A 473 4.37 -20.23 -14.23
CA ILE A 473 3.34 -21.19 -13.83
C ILE A 473 2.88 -20.81 -12.42
N CYS A 474 1.64 -20.32 -12.34
CA CYS A 474 1.08 -19.82 -11.11
C CYS A 474 0.05 -20.77 -10.56
N PHE A 475 0.22 -21.16 -9.30
CA PHE A 475 -0.73 -22.00 -8.58
C PHE A 475 -1.35 -21.16 -7.47
N ILE A 476 -2.68 -21.10 -7.45
CA ILE A 476 -3.44 -20.35 -6.44
C ILE A 476 -4.13 -21.36 -5.53
N ILE A 477 -3.80 -21.35 -4.25
CA ILE A 477 -4.34 -22.30 -3.30
C ILE A 477 -5.68 -21.79 -2.73
N ASN A 478 -6.77 -22.26 -3.35
CA ASN A 478 -8.12 -21.98 -2.87
C ASN A 478 -8.48 -22.98 -1.77
N ASN A 479 -8.28 -22.56 -0.52
CA ASN A 479 -8.71 -23.34 0.64
C ASN A 479 -9.73 -22.56 1.48
N ASP A 480 -10.49 -21.70 0.80
CA ASP A 480 -11.61 -20.98 1.39
C ASP A 480 -11.20 -20.15 2.62
N GLY A 481 -10.10 -19.40 2.50
CA GLY A 481 -9.69 -18.46 3.55
C GLY A 481 -8.23 -18.54 4.01
N TYR A 482 -7.99 -17.98 5.19
CA TYR A 482 -6.65 -17.82 5.72
C TYR A 482 -6.26 -19.03 6.60
N THR A 483 -5.84 -20.13 5.98
CA THR A 483 -5.60 -21.37 6.73
C THR A 483 -4.47 -21.25 7.74
N VAL A 484 -3.35 -20.64 7.35
CA VAL A 484 -2.25 -20.42 8.30
C VAL A 484 -2.72 -19.70 9.56
N GLU A 485 -3.58 -18.70 9.40
CA GLU A 485 -4.15 -17.99 10.55
C GLU A 485 -5.10 -18.87 11.36
N ARG A 486 -5.89 -19.71 10.70
CA ARG A 486 -6.74 -20.67 11.40
C ARG A 486 -5.90 -21.60 12.29
N GLU A 487 -4.73 -21.97 11.81
CA GLU A 487 -3.80 -22.85 12.53
C GLU A 487 -3.19 -22.18 13.76
N ILE A 488 -3.13 -20.84 13.76
CA ILE A 488 -2.58 -20.07 14.89
C ILE A 488 -3.67 -19.76 15.92
N HIS A 489 -4.79 -19.21 15.46
CA HIS A 489 -5.87 -18.75 16.34
C HIS A 489 -7.24 -18.61 15.64
N GLY A 490 -8.29 -19.14 16.27
CA GLY A 490 -9.66 -18.93 15.81
C GLY A 490 -9.99 -19.65 14.52
N PRO A 491 -9.83 -20.98 14.49
CA PRO A 491 -10.00 -21.77 13.27
C PRO A 491 -11.37 -21.63 12.58
N THR A 492 -12.43 -21.38 13.36
CA THR A 492 -13.77 -21.21 12.81
C THR A 492 -14.34 -19.79 13.00
N GLN A 493 -13.46 -18.83 13.33
CA GLN A 493 -13.87 -17.41 13.46
C GLN A 493 -14.02 -16.77 12.09
N SER A 494 -15.00 -15.86 11.97
CA SER A 494 -15.40 -15.32 10.68
C SER A 494 -14.34 -14.43 10.02
N TYR A 495 -13.42 -13.88 10.81
CA TYR A 495 -12.36 -13.03 10.28
C TYR A 495 -11.32 -13.83 9.49
N ASN A 496 -11.33 -15.16 9.64
CA ASN A 496 -10.47 -16.04 8.85
C ASN A 496 -11.08 -16.47 7.52
N ASP A 497 -12.33 -16.06 7.28
CA ASP A 497 -13.02 -16.24 6.01
C ASP A 497 -12.75 -15.06 5.07
N ILE A 498 -12.71 -15.33 3.76
CA ILE A 498 -12.61 -14.29 2.74
C ILE A 498 -13.69 -14.52 1.66
N PRO A 499 -14.07 -13.47 0.92
CA PRO A 499 -14.99 -13.68 -0.20
C PRO A 499 -14.34 -14.58 -1.27
N MET A 500 -15.03 -15.63 -1.70
CA MET A 500 -14.43 -16.55 -2.69
C MET A 500 -14.62 -16.02 -4.10
N TRP A 501 -13.52 -15.69 -4.75
CA TRP A 501 -13.52 -15.31 -6.16
C TRP A 501 -13.49 -16.57 -7.02
N ASN A 502 -13.83 -16.40 -8.30
CA ASN A 502 -13.64 -17.44 -9.31
C ASN A 502 -12.22 -17.28 -9.88
N TYR A 503 -11.25 -17.79 -9.12
CA TYR A 503 -9.82 -17.48 -9.36
C TYR A 503 -9.38 -17.90 -10.76
N SER A 504 -9.84 -19.05 -11.23
CA SER A 504 -9.44 -19.55 -12.55
C SER A 504 -9.84 -18.61 -13.69
N LYS A 505 -10.89 -17.81 -13.46
CA LYS A 505 -11.42 -16.91 -14.48
C LYS A 505 -10.76 -15.53 -14.51
N LEU A 506 -9.81 -15.27 -13.61
CA LEU A 506 -9.20 -13.95 -13.50
C LEU A 506 -8.45 -13.50 -14.78
N PRO A 507 -7.58 -14.36 -15.33
CA PRO A 507 -6.88 -13.94 -16.55
C PRO A 507 -7.80 -13.45 -17.67
N GLU A 508 -8.84 -14.22 -17.99
CA GLU A 508 -9.81 -13.84 -19.02
C GLU A 508 -10.44 -12.47 -18.72
N THR A 509 -10.84 -12.25 -17.47
CA THR A 509 -11.46 -10.99 -17.07
C THR A 509 -10.50 -9.80 -17.15
N PHE A 510 -9.21 -10.07 -16.96
CA PHE A 510 -8.16 -9.06 -17.03
C PHE A 510 -7.57 -8.88 -18.43
N GLY A 511 -8.20 -9.53 -19.42
CA GLY A 511 -7.89 -9.29 -20.84
C GLY A 511 -7.10 -10.37 -21.55
N ALA A 512 -6.78 -11.47 -20.84
CA ALA A 512 -6.00 -12.56 -21.44
C ALA A 512 -6.82 -13.38 -22.42
N THR A 513 -6.15 -13.81 -23.49
CA THR A 513 -6.70 -14.78 -24.44
C THR A 513 -6.01 -16.14 -24.23
N GLU A 514 -6.58 -17.18 -24.83
CA GLU A 514 -6.11 -18.56 -24.61
C GLU A 514 -4.72 -18.83 -25.18
N ASP A 515 -4.27 -18.00 -26.11
CA ASP A 515 -2.92 -18.12 -26.65
C ASP A 515 -1.88 -17.42 -25.77
N ARG A 516 -2.32 -16.76 -24.70
CA ARG A 516 -1.43 -16.10 -23.73
C ARG A 516 -1.41 -16.82 -22.39
N VAL A 517 -2.59 -17.04 -21.82
CA VAL A 517 -2.73 -17.70 -20.53
C VAL A 517 -3.66 -18.91 -20.62
N VAL A 518 -3.20 -20.04 -20.09
CA VAL A 518 -4.03 -21.22 -19.94
C VAL A 518 -4.47 -21.34 -18.49
N SER A 519 -5.78 -21.33 -18.26
CA SER A 519 -6.35 -21.38 -16.92
C SER A 519 -6.98 -22.73 -16.64
N LYS A 520 -6.81 -23.22 -15.41
CA LYS A 520 -7.24 -24.56 -15.00
C LYS A 520 -7.82 -24.54 -13.59
N ILE A 521 -8.68 -25.51 -13.29
CA ILE A 521 -9.07 -25.82 -11.91
C ILE A 521 -8.66 -27.27 -11.60
N VAL A 522 -7.92 -27.46 -10.50
CA VAL A 522 -7.40 -28.77 -10.14
C VAL A 522 -7.91 -29.21 -8.77
N ARG A 523 -8.46 -30.42 -8.71
CA ARG A 523 -9.00 -30.99 -7.48
C ARG A 523 -8.30 -32.27 -6.98
N THR A 524 -7.74 -33.06 -7.90
CA THR A 524 -7.17 -34.38 -7.56
C THR A 524 -5.67 -34.45 -7.89
N GLU A 525 -5.01 -35.48 -7.35
CA GLU A 525 -3.58 -35.67 -7.61
C GLU A 525 -3.30 -35.94 -9.08
N ASN A 526 -4.14 -36.77 -9.71
CA ASN A 526 -4.02 -37.06 -11.15
C ASN A 526 -4.09 -35.78 -11.99
N GLU A 527 -5.08 -34.94 -11.71
CA GLU A 527 -5.23 -33.65 -12.38
C GLU A 527 -4.00 -32.75 -12.18
N PHE A 528 -3.46 -32.74 -10.96
CA PHE A 528 -2.30 -31.90 -10.66
C PHE A 528 -1.07 -32.27 -11.50
N VAL A 529 -0.77 -33.57 -11.56
CA VAL A 529 0.36 -34.06 -12.35
C VAL A 529 0.18 -33.74 -13.83
N SER A 530 -1.03 -33.95 -14.36
CA SER A 530 -1.34 -33.68 -15.75
C SER A 530 -1.11 -32.21 -16.12
N VAL A 531 -1.65 -31.30 -15.32
CA VAL A 531 -1.51 -29.86 -15.57
C VAL A 531 -0.07 -29.39 -15.38
N MET A 532 0.59 -29.90 -14.35
CA MET A 532 1.98 -29.56 -14.07
C MET A 532 2.89 -29.93 -15.25
N LYS A 533 2.71 -31.15 -15.78
CA LYS A 533 3.49 -31.61 -16.92
C LYS A 533 3.16 -30.81 -18.18
N GLU A 534 1.88 -30.59 -18.42
CA GLU A 534 1.39 -29.78 -19.52
C GLU A 534 2.00 -28.36 -19.47
N ALA A 535 1.97 -27.74 -18.30
CA ALA A 535 2.53 -26.41 -18.10
C ALA A 535 4.04 -26.39 -18.34
N GLN A 536 4.75 -27.31 -17.69
CA GLN A 536 6.21 -27.41 -17.83
C GLN A 536 6.67 -27.62 -19.27
N ALA A 537 5.92 -28.41 -20.03
CA ALA A 537 6.22 -28.65 -21.44
C ALA A 537 5.99 -27.41 -22.32
N ASP A 538 4.96 -26.63 -22.00
CA ASP A 538 4.59 -25.45 -22.79
C ASP A 538 5.24 -24.17 -22.25
N VAL A 539 6.44 -23.86 -22.74
CA VAL A 539 7.21 -22.73 -22.24
C VAL A 539 6.77 -21.36 -22.76
N ASN A 540 5.88 -21.35 -23.75
CA ASN A 540 5.51 -20.08 -24.40
C ASN A 540 4.17 -19.47 -23.95
N ARG A 541 3.56 -20.05 -22.92
CA ARG A 541 2.37 -19.47 -22.31
C ARG A 541 2.46 -19.47 -20.80
N MET A 542 1.73 -18.54 -20.19
CA MET A 542 1.57 -18.48 -18.75
C MET A 542 0.48 -19.47 -18.34
N TYR A 543 0.68 -20.12 -17.20
CA TYR A 543 -0.33 -21.01 -16.63
C TYR A 543 -0.88 -20.46 -15.32
N TRP A 544 -2.19 -20.57 -15.17
CA TRP A 544 -2.93 -19.99 -14.05
C TRP A 544 -3.86 -21.07 -13.49
N ILE A 545 -3.41 -21.70 -12.41
CA ILE A 545 -3.99 -22.95 -11.95
C ILE A 545 -4.58 -22.79 -10.55
N GLU A 546 -5.90 -22.89 -10.47
CA GLU A 546 -6.61 -22.86 -9.20
C GLU A 546 -6.56 -24.26 -8.59
N LEU A 547 -5.87 -24.38 -7.46
CA LEU A 547 -5.84 -25.61 -6.67
C LEU A 547 -6.88 -25.54 -5.57
N VAL A 548 -7.76 -26.54 -5.51
CA VAL A 548 -8.76 -26.61 -4.43
C VAL A 548 -8.29 -27.56 -3.33
N LEU A 549 -8.12 -27.02 -2.12
CA LEU A 549 -7.78 -27.82 -0.93
C LEU A 549 -8.68 -27.43 0.23
N GLU A 550 -8.75 -28.29 1.25
CA GLU A 550 -9.61 -28.07 2.40
C GLU A 550 -9.02 -27.03 3.36
N LYS A 551 -9.89 -26.20 3.95
CA LYS A 551 -9.45 -25.15 4.86
C LYS A 551 -8.71 -25.68 6.09
N GLU A 552 -9.07 -26.89 6.52
CA GLU A 552 -8.49 -27.54 7.72
C GLU A 552 -7.15 -28.24 7.44
N ASP A 553 -6.78 -28.31 6.17
CA ASP A 553 -5.57 -29.02 5.75
C ASP A 553 -4.37 -28.07 5.76
N ALA A 554 -3.33 -28.45 6.49
CA ALA A 554 -2.06 -27.71 6.52
C ALA A 554 -0.89 -28.70 6.43
N PRO A 555 0.22 -28.29 5.81
CA PRO A 555 1.38 -29.20 5.75
C PRO A 555 1.93 -29.44 7.15
N LYS A 556 2.55 -30.62 7.35
CA LYS A 556 3.04 -31.03 8.67
C LYS A 556 3.81 -29.93 9.42
N LEU A 557 4.72 -29.25 8.72
CA LEU A 557 5.55 -28.20 9.33
C LEU A 557 4.69 -27.05 9.87
N LEU A 558 3.62 -26.70 9.16
CA LEU A 558 2.76 -25.59 9.56
C LEU A 558 1.84 -25.99 10.70
N LYS A 559 1.41 -27.26 10.74
CA LYS A 559 0.62 -27.74 11.88
C LYS A 559 1.42 -27.55 13.17
N LYS A 560 2.73 -27.78 13.09
CA LYS A 560 3.64 -27.58 14.22
C LYS A 560 3.92 -26.10 14.47
N MET A 561 4.22 -25.36 13.41
CA MET A 561 4.63 -23.96 13.54
C MET A 561 3.47 -23.08 14.00
N GLY A 562 2.25 -23.41 13.57
CA GLY A 562 1.06 -22.67 13.98
C GLY A 562 0.93 -22.59 15.50
N LYS A 563 1.14 -23.72 16.16
CA LYS A 563 1.04 -23.78 17.62
C LYS A 563 2.17 -23.04 18.32
N LEU A 564 3.34 -22.97 17.67
CA LEU A 564 4.47 -22.22 18.19
C LEU A 564 4.24 -20.70 18.09
N PHE A 565 3.69 -20.24 16.96
CA PHE A 565 3.26 -18.85 16.82
C PHE A 565 2.23 -18.48 17.90
N ALA A 566 1.25 -19.36 18.12
CA ALA A 566 0.22 -19.15 19.13
C ALA A 566 0.83 -18.99 20.54
N GLU A 567 1.81 -19.83 20.83
CA GLU A 567 2.51 -19.81 22.11
C GLU A 567 3.28 -18.49 22.28
N GLN A 568 3.91 -18.05 21.19
CA GLN A 568 4.66 -16.80 21.16
C GLN A 568 3.79 -15.59 21.48
N ASN A 569 2.51 -15.66 21.16
CA ASN A 569 1.57 -14.58 21.42
C ASN A 569 0.86 -14.65 22.78
N LYS A 570 1.26 -15.60 23.63
CA LYS A 570 0.67 -15.76 24.96
C LYS A 570 1.58 -15.20 26.07
N HIS B 10 -35.00 -15.90 52.64
CA HIS B 10 -35.45 -17.25 53.08
C HIS B 10 -36.14 -17.19 54.44
N SER B 11 -37.07 -18.13 54.66
CA SER B 11 -37.83 -18.24 55.91
C SER B 11 -36.93 -18.21 57.16
N SER B 12 -35.78 -18.89 57.10
CA SER B 12 -34.83 -18.93 58.22
C SER B 12 -34.16 -17.58 58.53
N GLY B 13 -34.14 -16.68 57.55
CA GLY B 13 -33.47 -15.38 57.69
C GLY B 13 -32.03 -15.36 57.20
N LEU B 14 -31.59 -16.45 56.57
CA LEU B 14 -30.26 -16.47 55.93
C LEU B 14 -30.35 -15.85 54.54
N MET B 24 -13.48 -11.07 32.93
CA MET B 24 -13.66 -9.67 33.42
C MET B 24 -13.33 -8.65 32.31
N TYR B 25 -13.45 -7.37 32.68
CA TYR B 25 -13.31 -6.26 31.76
C TYR B 25 -11.83 -5.99 31.48
N THR B 26 -11.50 -5.80 30.21
CA THR B 26 -10.12 -5.65 29.76
C THR B 26 -9.88 -4.34 29.03
N VAL B 27 -8.60 -4.05 28.78
CA VAL B 27 -8.20 -2.89 27.98
C VAL B 27 -8.86 -2.91 26.59
N GLY B 28 -8.95 -4.09 25.96
CA GLY B 28 -9.62 -4.22 24.65
C GLY B 28 -11.08 -3.79 24.70
N ASP B 29 -11.78 -4.19 25.76
CA ASP B 29 -13.17 -3.75 25.99
C ASP B 29 -13.27 -2.23 26.16
N TYR B 30 -12.34 -1.68 26.94
CA TYR B 30 -12.26 -0.23 27.18
C TYR B 30 -12.11 0.55 25.86
N LEU B 31 -11.21 0.08 25.00
CA LEU B 31 -10.98 0.72 23.69
C LEU B 31 -12.26 0.66 22.84
N LEU B 32 -12.85 -0.52 22.74
CA LEU B 32 -14.07 -0.70 21.97
C LEU B 32 -15.26 0.12 22.53
N ASP B 33 -15.40 0.19 23.86
CA ASP B 33 -16.39 1.09 24.48
C ASP B 33 -16.18 2.57 24.06
N ARG B 34 -14.93 3.03 24.07
CA ARG B 34 -14.63 4.40 23.62
C ARG B 34 -14.95 4.62 22.15
N LEU B 35 -14.68 3.62 21.30
CA LEU B 35 -15.02 3.73 19.87
C LEU B 35 -16.52 3.81 19.67
N HIS B 36 -17.27 3.04 20.45
CA HIS B 36 -18.72 3.09 20.44
C HIS B 36 -19.20 4.50 20.79
N GLU B 37 -18.58 5.10 21.81
CA GLU B 37 -18.88 6.48 22.22
C GLU B 37 -18.70 7.50 21.13
N LEU B 38 -17.71 7.26 20.26
CA LEU B 38 -17.46 8.12 19.10
C LEU B 38 -18.48 7.92 17.98
N GLY B 39 -19.36 6.91 18.12
CA GLY B 39 -20.42 6.64 17.14
C GLY B 39 -20.06 5.59 16.10
N ILE B 40 -18.93 4.92 16.29
CA ILE B 40 -18.40 3.94 15.34
C ILE B 40 -19.13 2.61 15.53
N GLU B 41 -19.72 2.09 14.45
CA GLU B 41 -20.45 0.82 14.49
C GLU B 41 -19.84 -0.27 13.61
N GLU B 42 -18.76 0.07 12.92
CA GLU B 42 -18.08 -0.86 12.01
C GLU B 42 -16.60 -0.58 12.11
N ILE B 43 -15.80 -1.64 12.15
CA ILE B 43 -14.33 -1.53 12.15
C ILE B 43 -13.79 -2.29 10.95
N PHE B 44 -12.95 -1.62 10.17
CA PHE B 44 -12.35 -2.16 8.95
C PHE B 44 -10.94 -2.67 9.26
N GLY B 45 -10.31 -3.32 8.29
CA GLY B 45 -8.94 -3.77 8.46
C GLY B 45 -8.65 -5.15 7.91
N VAL B 46 -7.48 -5.65 8.27
CA VAL B 46 -7.00 -6.96 7.86
C VAL B 46 -6.38 -7.67 9.08
N PRO B 47 -6.78 -8.92 9.35
CA PRO B 47 -6.24 -9.62 10.52
C PRO B 47 -4.76 -10.00 10.38
N GLY B 48 -4.12 -10.22 11.53
CA GLY B 48 -2.78 -10.80 11.61
C GLY B 48 -2.63 -11.45 12.97
N ASP B 49 -1.70 -12.39 13.12
CA ASP B 49 -1.60 -13.12 14.41
C ASP B 49 -1.47 -12.15 15.61
N TYR B 50 -0.82 -11.00 15.42
CA TYR B 50 -0.64 -10.04 16.51
C TYR B 50 -1.91 -9.28 16.90
N ASN B 51 -3.01 -9.43 16.14
CA ASN B 51 -4.29 -8.78 16.49
C ASN B 51 -5.51 -9.71 16.61
N LEU B 52 -5.35 -11.02 16.46
CA LEU B 52 -6.50 -11.94 16.42
C LEU B 52 -7.28 -12.02 17.74
N GLN B 53 -6.58 -11.97 18.88
CA GLN B 53 -7.27 -12.06 20.17
C GLN B 53 -8.11 -10.79 20.42
N PHE B 54 -7.60 -9.64 19.99
CA PHE B 54 -8.39 -8.39 20.04
C PHE B 54 -9.56 -8.51 19.06
N LEU B 55 -9.30 -9.10 17.90
CA LEU B 55 -10.37 -9.36 16.92
C LEU B 55 -11.52 -10.19 17.51
N ASP B 56 -11.20 -11.18 18.35
CA ASP B 56 -12.24 -11.96 19.02
C ASP B 56 -13.18 -11.06 19.82
N GLN B 57 -12.60 -10.03 20.45
CA GLN B 57 -13.38 -9.08 21.25
C GLN B 57 -14.29 -8.23 20.36
N ILE B 58 -13.82 -7.86 19.18
CA ILE B 58 -14.67 -7.12 18.23
C ILE B 58 -15.83 -7.99 17.73
N ILE B 59 -15.54 -9.24 17.34
CA ILE B 59 -16.56 -10.16 16.86
C ILE B 59 -17.63 -10.41 17.93
N SER B 60 -17.23 -10.41 19.19
CA SER B 60 -18.17 -10.66 20.29
C SER B 60 -19.15 -9.52 20.59
N ARG B 61 -18.79 -8.29 20.19
CA ARG B 61 -19.62 -7.10 20.42
C ARG B 61 -20.96 -7.22 19.70
N GLU B 62 -22.02 -6.76 20.35
CA GLU B 62 -23.33 -6.66 19.70
C GLU B 62 -23.50 -5.31 18.98
N ASP B 63 -22.74 -4.31 19.41
CA ASP B 63 -22.94 -2.92 18.97
C ASP B 63 -22.04 -2.50 17.81
N MET B 64 -21.18 -3.40 17.35
CA MET B 64 -20.35 -3.11 16.17
C MET B 64 -19.91 -4.37 15.45
N LYS B 65 -19.53 -4.19 14.19
CA LYS B 65 -19.25 -5.29 13.27
C LYS B 65 -17.85 -5.17 12.67
N TRP B 66 -17.13 -6.29 12.63
CA TRP B 66 -15.90 -6.40 11.85
C TRP B 66 -16.23 -6.49 10.36
N ILE B 67 -15.61 -5.62 9.56
CA ILE B 67 -15.76 -5.67 8.11
C ILE B 67 -14.37 -5.78 7.50
N GLY B 68 -13.92 -7.02 7.27
CA GLY B 68 -12.58 -7.29 6.80
C GLY B 68 -12.38 -6.88 5.36
N ASN B 69 -11.27 -6.18 5.10
CA ASN B 69 -10.87 -5.80 3.74
C ASN B 69 -9.91 -6.83 3.10
N ALA B 70 -9.71 -6.69 1.79
CA ALA B 70 -8.75 -7.52 1.04
C ALA B 70 -7.33 -7.10 1.39
N ASN B 71 -7.07 -5.79 1.39
CA ASN B 71 -5.77 -5.25 1.84
C ASN B 71 -5.89 -4.00 2.72
N GLU B 72 -4.78 -3.63 3.36
CA GLU B 72 -4.76 -2.58 4.37
C GLU B 72 -4.85 -1.17 3.79
N LEU B 73 -4.22 -0.93 2.63
CA LEU B 73 -4.35 0.39 2.00
C LEU B 73 -5.82 0.69 1.75
N ASN B 74 -6.53 -0.31 1.22
CA ASN B 74 -7.96 -0.19 0.98
C ASN B 74 -8.77 0.01 2.26
N ALA B 75 -8.37 -0.68 3.32
CA ALA B 75 -8.97 -0.52 4.65
C ALA B 75 -8.86 0.92 5.15
N SER B 76 -7.69 1.54 4.98
CA SER B 76 -7.50 2.93 5.40
C SER B 76 -8.36 3.90 4.57
N TYR B 77 -8.44 3.66 3.27
CA TYR B 77 -9.29 4.42 2.38
C TYR B 77 -10.77 4.29 2.79
N MET B 78 -11.19 3.06 3.08
CA MET B 78 -12.56 2.76 3.48
C MET B 78 -12.94 3.47 4.79
N ALA B 79 -12.03 3.44 5.77
CA ALA B 79 -12.22 4.13 7.05
C ALA B 79 -12.34 5.65 6.85
N ASP B 80 -11.56 6.20 5.93
CA ASP B 80 -11.63 7.63 5.60
C ASP B 80 -13.02 8.01 5.06
N GLY B 81 -13.48 7.29 4.05
CA GLY B 81 -14.83 7.50 3.51
C GLY B 81 -15.91 7.35 4.58
N TYR B 82 -15.77 6.32 5.42
CA TYR B 82 -16.68 6.13 6.54
C TYR B 82 -16.70 7.36 7.47
N ALA B 83 -15.51 7.88 7.80
CA ALA B 83 -15.37 9.07 8.64
C ALA B 83 -16.06 10.30 8.04
N ARG B 84 -15.96 10.46 6.71
CA ARG B 84 -16.55 11.62 6.05
C ARG B 84 -18.08 11.68 6.27
N THR B 85 -18.70 10.52 6.46
CA THR B 85 -20.16 10.42 6.60
C THR B 85 -20.60 10.17 8.05
N LYS B 86 -19.93 9.26 8.73
CA LYS B 86 -20.24 8.89 10.11
C LYS B 86 -19.65 9.89 11.12
N LYS B 87 -18.58 10.57 10.71
CA LYS B 87 -17.89 11.60 11.51
C LYS B 87 -16.88 11.06 12.54
N ALA B 88 -16.64 9.75 12.48
CA ALA B 88 -15.56 9.08 13.22
C ALA B 88 -15.38 7.72 12.54
N ALA B 89 -14.18 7.15 12.64
CA ALA B 89 -13.92 5.82 12.06
C ALA B 89 -12.74 5.14 12.72
N ALA B 90 -12.69 3.82 12.58
CA ALA B 90 -11.59 3.01 13.08
C ALA B 90 -11.22 1.88 12.09
N PHE B 91 -9.92 1.61 11.98
CA PHE B 91 -9.45 0.38 11.33
C PHE B 91 -8.29 -0.30 12.07
N LEU B 92 -8.17 -1.60 11.85
CA LEU B 92 -7.26 -2.47 12.59
C LEU B 92 -6.25 -3.11 11.62
N THR B 93 -4.96 -2.98 11.92
CA THR B 93 -3.91 -3.62 11.16
C THR B 93 -2.99 -4.44 12.08
N THR B 94 -2.13 -5.25 11.46
CA THR B 94 -1.06 -5.94 12.18
C THR B 94 0.26 -5.16 12.09
N PHE B 95 1.09 -5.33 13.11
CA PHE B 95 2.37 -4.64 13.27
C PHE B 95 3.24 -4.74 12.02
N GLY B 96 3.85 -3.62 11.64
CA GLY B 96 4.80 -3.56 10.52
C GLY B 96 4.15 -3.61 9.15
N VAL B 97 3.85 -4.82 8.70
CA VAL B 97 3.34 -5.04 7.34
C VAL B 97 1.94 -4.45 7.10
N GLY B 98 1.08 -4.52 8.12
CA GLY B 98 -0.28 -4.00 8.01
C GLY B 98 -0.30 -2.49 8.07
N GLU B 99 0.32 -1.93 9.10
CA GLU B 99 0.32 -0.49 9.31
C GLU B 99 1.04 0.26 8.19
N LEU B 100 2.20 -0.25 7.73
CA LEU B 100 2.93 0.46 6.66
C LEU B 100 2.19 0.38 5.32
N SER B 101 1.42 -0.69 5.10
CA SER B 101 0.57 -0.78 3.92
C SER B 101 -0.53 0.29 3.93
N ALA B 102 -1.00 0.64 5.13
CA ALA B 102 -2.10 1.62 5.30
C ALA B 102 -1.68 3.09 5.39
N ILE B 103 -0.38 3.37 5.43
CA ILE B 103 0.09 4.70 5.86
C ILE B 103 -0.27 5.81 4.85
N ASN B 104 -0.35 5.46 3.57
CA ASN B 104 -0.81 6.41 2.56
C ASN B 104 -2.28 6.82 2.78
N GLY B 105 -3.13 5.88 3.17
CA GLY B 105 -4.50 6.22 3.53
C GLY B 105 -4.58 7.12 4.74
N LEU B 106 -3.82 6.80 5.77
CA LEU B 106 -3.78 7.64 6.97
C LEU B 106 -3.22 9.03 6.66
N ALA B 107 -2.20 9.10 5.81
CA ALA B 107 -1.67 10.39 5.35
C ALA B 107 -2.76 11.27 4.68
N GLY B 108 -3.58 10.65 3.84
CA GLY B 108 -4.70 11.34 3.21
C GLY B 108 -5.72 11.84 4.21
N SER B 109 -6.01 11.03 5.23
CA SER B 109 -6.88 11.42 6.33
C SER B 109 -6.30 12.58 7.15
N TYR B 110 -4.98 12.62 7.26
CA TYR B 110 -4.33 13.75 7.93
C TYR B 110 -4.44 15.02 7.07
N ALA B 111 -4.08 14.91 5.80
CA ALA B 111 -4.13 16.02 4.83
C ALA B 111 -5.51 16.67 4.75
N GLU B 112 -6.55 15.85 4.63
CA GLU B 112 -7.91 16.35 4.47
C GLU B 112 -8.73 16.36 5.77
N ASN B 113 -8.03 16.09 6.89
CA ASN B 113 -8.55 16.29 8.23
C ASN B 113 -9.76 15.39 8.55
N LEU B 114 -9.59 14.08 8.45
CA LEU B 114 -10.66 13.15 8.86
C LEU B 114 -10.32 12.40 10.13
N PRO B 115 -11.30 12.29 11.04
CA PRO B 115 -11.12 11.64 12.36
C PRO B 115 -11.10 10.11 12.28
N VAL B 116 -9.95 9.57 11.88
CA VAL B 116 -9.75 8.12 11.73
C VAL B 116 -8.76 7.62 12.79
N VAL B 117 -9.16 6.55 13.49
CA VAL B 117 -8.29 5.89 14.48
C VAL B 117 -7.72 4.62 13.86
N GLU B 118 -6.39 4.52 13.78
CA GLU B 118 -5.77 3.25 13.41
C GLU B 118 -5.30 2.54 14.67
N ILE B 119 -5.74 1.29 14.81
CA ILE B 119 -5.29 0.39 15.84
C ILE B 119 -4.32 -0.62 15.20
N VAL B 120 -3.12 -0.74 15.77
CA VAL B 120 -2.10 -1.68 15.29
C VAL B 120 -1.83 -2.73 16.36
N GLY B 121 -2.14 -3.99 16.06
CA GLY B 121 -1.84 -5.10 16.97
C GLY B 121 -0.37 -5.44 16.90
N SER B 122 0.29 -5.50 18.06
CA SER B 122 1.74 -5.71 18.13
C SER B 122 2.09 -6.89 19.04
N PRO B 123 3.33 -7.42 18.93
CA PRO B 123 3.70 -8.60 19.73
C PRO B 123 3.63 -8.33 21.22
N THR B 124 3.65 -9.40 22.01
CA THR B 124 3.59 -9.27 23.46
C THR B 124 4.71 -8.36 23.96
N SER B 125 4.45 -7.71 25.10
CA SER B 125 5.45 -6.85 25.73
CA SER B 125 5.45 -6.86 25.76
C SER B 125 6.74 -7.61 26.04
N LYS B 126 6.63 -8.90 26.39
CA LYS B 126 7.82 -9.72 26.65
C LYS B 126 8.69 -9.88 25.39
N VAL B 127 8.04 -10.22 24.28
CA VAL B 127 8.71 -10.35 22.99
C VAL B 127 9.39 -9.03 22.60
N GLN B 128 8.69 -7.91 22.80
CA GLN B 128 9.24 -6.60 22.48
C GLN B 128 10.42 -6.25 23.39
N ASN B 129 10.25 -6.51 24.69
CA ASN B 129 11.32 -6.24 25.67
C ASN B 129 12.57 -7.11 25.49
N ASP B 130 12.39 -8.36 25.04
CA ASP B 130 13.51 -9.25 24.74
C ASP B 130 14.19 -8.94 23.40
N GLY B 131 13.62 -8.05 22.60
CA GLY B 131 14.19 -7.65 21.32
C GLY B 131 14.25 -8.80 20.33
N LYS B 132 13.25 -9.67 20.34
CA LYS B 132 13.29 -10.89 19.53
C LYS B 132 13.14 -10.58 18.03
N PHE B 133 13.82 -11.37 17.22
CA PHE B 133 13.76 -11.23 15.76
C PHE B 133 12.52 -11.96 15.24
N VAL B 134 11.36 -11.37 15.46
CA VAL B 134 10.09 -11.95 15.02
C VAL B 134 9.62 -11.35 13.69
N HIS B 135 8.69 -12.06 13.06
CA HIS B 135 8.12 -11.66 11.78
C HIS B 135 7.46 -10.26 11.86
N HIS B 136 7.48 -9.57 10.71
CA HIS B 136 7.06 -8.16 10.58
C HIS B 136 8.00 -7.17 11.31
N THR B 137 9.28 -7.51 11.45
CA THR B 137 10.29 -6.59 12.00
C THR B 137 11.50 -6.50 11.08
N LEU B 138 12.42 -5.60 11.41
CA LEU B 138 13.67 -5.46 10.66
C LEU B 138 14.77 -6.36 11.24
N ALA B 139 14.40 -7.25 12.16
CA ALA B 139 15.35 -8.12 12.85
C ALA B 139 16.48 -7.33 13.52
N ASP B 140 16.08 -6.28 14.22
CA ASP B 140 17.01 -5.47 15.02
C ASP B 140 16.52 -5.28 16.44
N GLY B 141 15.47 -6.00 16.84
CA GLY B 141 14.94 -5.90 18.19
C GLY B 141 14.23 -4.61 18.55
N ASP B 142 14.00 -3.74 17.55
CA ASP B 142 13.41 -2.42 17.78
C ASP B 142 11.96 -2.39 17.30
N PHE B 143 11.02 -2.21 18.22
CA PHE B 143 9.60 -2.24 17.90
C PHE B 143 8.96 -0.84 17.91
N LYS B 144 9.78 0.21 17.83
CA LYS B 144 9.28 1.60 17.85
C LYS B 144 9.43 2.35 16.51
N HIS B 145 10.12 1.75 15.53
CA HIS B 145 10.37 2.43 14.23
C HIS B 145 9.09 2.87 13.53
N PHE B 146 8.09 1.99 13.56
CA PHE B 146 6.92 2.21 12.71
C PHE B 146 6.00 3.27 13.31
N MET B 147 5.93 3.34 14.65
CA MET B 147 5.17 4.43 15.27
C MET B 147 5.84 5.79 14.97
N LYS B 148 7.18 5.83 15.00
CA LYS B 148 7.92 7.06 14.67
C LYS B 148 7.64 7.54 13.23
N MET B 149 7.58 6.58 12.31
CA MET B 149 7.26 6.86 10.91
C MET B 149 5.86 7.51 10.71
N HIS B 150 4.95 7.28 11.66
CA HIS B 150 3.60 7.88 11.63
C HIS B 150 3.52 9.32 12.19
N GLU B 151 4.61 9.82 12.77
CA GLU B 151 4.59 11.11 13.45
C GLU B 151 4.06 12.26 12.56
N PRO B 152 4.55 12.40 11.31
CA PRO B 152 4.06 13.52 10.50
C PRO B 152 2.61 13.42 9.99
N VAL B 153 1.96 12.25 10.14
CA VAL B 153 0.62 12.02 9.61
C VAL B 153 -0.39 11.58 10.69
N THR B 154 -0.08 11.90 11.95
CA THR B 154 -0.99 11.65 13.06
C THR B 154 -0.98 12.84 14.03
N ALA B 155 -2.16 13.15 14.58
CA ALA B 155 -2.29 14.21 15.58
C ALA B 155 -1.77 13.73 16.94
N ALA B 156 -1.83 12.42 17.17
CA ALA B 156 -1.38 11.80 18.41
C ALA B 156 -1.15 10.31 18.18
N ARG B 157 -0.28 9.71 18.99
CA ARG B 157 0.05 8.30 18.88
C ARG B 157 0.44 7.76 20.25
N THR B 158 0.19 6.47 20.44
CA THR B 158 0.58 5.82 21.68
C THR B 158 0.94 4.34 21.45
N LEU B 159 1.93 3.88 22.21
CA LEU B 159 2.22 2.47 22.40
C LEU B 159 1.76 2.12 23.81
N LEU B 160 0.66 1.39 23.90
CA LEU B 160 0.03 1.11 25.19
C LEU B 160 0.83 0.13 26.05
N THR B 161 0.81 0.40 27.36
CA THR B 161 1.26 -0.56 28.36
C THR B 161 0.06 -0.93 29.24
N ALA B 162 0.18 -2.01 30.01
CA ALA B 162 -0.87 -2.40 30.96
C ALA B 162 -1.12 -1.31 32.00
N GLU B 163 -0.09 -0.56 32.37
CA GLU B 163 -0.25 0.44 33.43
C GLU B 163 -0.69 1.82 32.94
N ASN B 164 -0.51 2.13 31.65
CA ASN B 164 -0.94 3.42 31.13
C ASN B 164 -2.13 3.36 30.15
N ALA B 165 -2.67 2.17 29.90
CA ALA B 165 -3.56 1.95 28.74
C ALA B 165 -4.80 2.87 28.68
N THR B 166 -5.54 2.97 29.77
CA THR B 166 -6.78 3.79 29.78
C THR B 166 -6.49 5.28 29.64
N TYR B 167 -5.47 5.75 30.35
CA TYR B 167 -5.00 7.15 30.24
C TYR B 167 -4.63 7.51 28.79
N GLU B 168 -3.89 6.61 28.16
CA GLU B 168 -3.35 6.86 26.82
C GLU B 168 -4.41 6.76 25.73
N ILE B 169 -5.32 5.79 25.85
CA ILE B 169 -6.47 5.69 24.95
C ILE B 169 -7.26 7.01 24.99
N ASP B 170 -7.57 7.48 26.21
CA ASP B 170 -8.36 8.69 26.38
C ASP B 170 -7.61 9.93 25.89
N ARG B 171 -6.30 9.98 26.09
CA ARG B 171 -5.50 11.10 25.64
C ARG B 171 -5.58 11.23 24.11
N VAL B 172 -5.38 10.12 23.40
CA VAL B 172 -5.30 10.17 21.95
CA VAL B 172 -5.30 10.12 21.95
C VAL B 172 -6.68 10.33 21.32
N LEU B 173 -7.71 9.71 21.90
CA LEU B 173 -9.08 9.89 21.39
C LEU B 173 -9.63 11.29 21.71
N SER B 174 -9.18 11.89 22.79
CA SER B 174 -9.51 13.28 23.08
C SER B 174 -8.87 14.23 22.06
N GLN B 175 -7.66 13.91 21.59
CA GLN B 175 -7.00 14.69 20.55
C GLN B 175 -7.73 14.54 19.22
N LEU B 176 -8.26 13.34 18.98
CA LEU B 176 -9.09 13.09 17.80
C LEU B 176 -10.34 13.97 17.81
N LEU B 177 -10.97 14.09 18.98
CA LEU B 177 -12.14 14.94 19.14
C LEU B 177 -11.80 16.44 19.01
N LYS B 178 -10.62 16.83 19.48
CA LYS B 178 -10.24 18.23 19.47
C LYS B 178 -9.91 18.75 18.06
N GLU B 179 -9.17 17.95 17.29
CA GLU B 179 -8.67 18.39 15.98
C GLU B 179 -9.36 17.69 14.80
N ARG B 180 -9.97 16.53 15.05
CA ARG B 180 -10.60 15.71 13.99
C ARG B 180 -9.60 15.22 12.93
N LYS B 181 -8.33 15.11 13.33
CA LYS B 181 -7.26 14.49 12.54
C LYS B 181 -7.03 13.06 13.03
N PRO B 182 -6.36 12.22 12.21
CA PRO B 182 -6.18 10.81 12.60
C PRO B 182 -5.23 10.60 13.79
N VAL B 183 -5.51 9.55 14.57
CA VAL B 183 -4.66 9.16 15.69
C VAL B 183 -4.34 7.65 15.62
N TYR B 184 -3.39 7.21 16.43
CA TYR B 184 -2.74 5.91 16.24
C TYR B 184 -2.54 5.23 17.59
N ILE B 185 -3.01 3.99 17.69
CA ILE B 185 -2.91 3.22 18.91
C ILE B 185 -2.24 1.88 18.61
N ASN B 186 -1.04 1.68 19.14
CA ASN B 186 -0.36 0.40 19.05
C ASN B 186 -0.77 -0.40 20.29
N LEU B 187 -1.32 -1.58 20.06
CA LEU B 187 -1.92 -2.41 21.10
C LEU B 187 -1.24 -3.78 21.18
N PRO B 188 -0.29 -3.96 22.12
CA PRO B 188 0.35 -5.27 22.29
C PRO B 188 -0.64 -6.35 22.72
N VAL B 189 -0.45 -7.58 22.24
CA VAL B 189 -1.41 -8.67 22.51
C VAL B 189 -1.77 -8.78 23.99
N ASP B 190 -0.75 -8.80 24.86
CA ASP B 190 -0.97 -9.03 26.29
C ASP B 190 -1.64 -7.82 26.96
N VAL B 191 -1.38 -6.63 26.41
CA VAL B 191 -1.97 -5.39 26.94
C VAL B 191 -3.49 -5.35 26.68
N ALA B 192 -3.93 -5.76 25.47
CA ALA B 192 -5.36 -5.80 25.17
C ALA B 192 -6.13 -6.73 26.12
N ALA B 193 -5.48 -7.78 26.61
CA ALA B 193 -6.11 -8.75 27.50
C ALA B 193 -5.94 -8.42 28.99
N ALA B 194 -5.23 -7.33 29.28
CA ALA B 194 -4.97 -6.91 30.66
C ALA B 194 -6.24 -6.34 31.29
N LYS B 195 -6.33 -6.42 32.62
CA LYS B 195 -7.51 -5.92 33.32
C LYS B 195 -7.64 -4.40 33.18
N ALA B 196 -8.89 -3.95 33.08
CA ALA B 196 -9.23 -2.53 33.13
C ALA B 196 -10.55 -2.31 33.86
N GLU B 197 -10.80 -1.06 34.22
CA GLU B 197 -12.06 -0.63 34.81
C GLU B 197 -12.81 0.22 33.79
N LYS B 198 -14.14 0.09 33.77
CA LYS B 198 -14.98 0.89 32.88
C LYS B 198 -14.72 2.39 33.06
N PRO B 199 -14.82 3.17 31.97
CA PRO B 199 -14.52 4.59 32.05
C PRO B 199 -15.43 5.37 33.04
N ALA B 200 -14.80 6.16 33.89
CA ALA B 200 -15.52 6.96 34.89
C ALA B 200 -16.10 8.24 34.32
N LEU B 201 -15.43 8.79 33.30
CA LEU B 201 -15.86 10.03 32.66
C LEU B 201 -16.11 9.80 31.18
N SER B 202 -17.01 10.57 30.60
CA SER B 202 -17.21 10.58 29.15
C SER B 202 -16.12 11.39 28.48
N LEU B 203 -15.80 11.04 27.23
CA LEU B 203 -14.98 11.90 26.39
C LEU B 203 -15.85 13.08 25.95
N GLU B 204 -15.23 14.22 25.67
CA GLU B 204 -15.98 15.40 25.22
C GLU B 204 -16.11 15.43 23.70
N ASN B 211 -14.75 31.88 25.69
CA ASN B 211 -13.87 32.96 26.14
C ASN B 211 -14.09 34.27 25.39
N THR B 212 -13.37 35.30 25.82
CA THR B 212 -13.45 36.63 25.20
C THR B 212 -13.01 36.62 23.73
N THR B 213 -12.04 35.77 23.40
CA THR B 213 -11.56 35.67 22.02
C THR B 213 -12.69 35.25 21.07
N GLU B 214 -13.47 34.25 21.49
CA GLU B 214 -14.60 33.77 20.70
C GLU B 214 -15.70 34.82 20.59
N GLN B 215 -15.99 35.51 21.70
CA GLN B 215 -16.97 36.60 21.70
C GLN B 215 -16.58 37.77 20.80
N VAL B 216 -15.30 38.14 20.81
CA VAL B 216 -14.80 39.18 19.92
C VAL B 216 -14.95 38.75 18.46
N ILE B 217 -14.56 37.51 18.16
CA ILE B 217 -14.70 36.98 16.80
C ILE B 217 -16.17 37.03 16.35
N LEU B 218 -17.08 36.51 17.17
CA LEU B 218 -18.49 36.52 16.82
C LEU B 218 -19.02 37.93 16.62
N SER B 219 -18.62 38.85 17.51
CA SER B 219 -19.05 40.25 17.40
CA SER B 219 -19.04 40.25 17.41
C SER B 219 -18.53 40.91 16.11
N LYS B 220 -17.29 40.60 15.75
CA LYS B 220 -16.69 41.16 14.53
C LYS B 220 -17.35 40.63 13.26
N ILE B 221 -17.68 39.35 13.25
CA ILE B 221 -18.43 38.74 12.14
C ILE B 221 -19.83 39.36 12.02
N GLU B 222 -20.52 39.46 13.16
CA GLU B 222 -21.86 40.07 13.21
C GLU B 222 -21.86 41.48 12.64
N GLU B 223 -20.94 42.31 13.13
CA GLU B 223 -20.76 43.69 12.66
C GLU B 223 -20.49 43.76 11.15
N SER B 224 -19.57 42.93 10.68
CA SER B 224 -19.21 42.90 9.26
C SER B 224 -20.37 42.47 8.36
N LEU B 225 -21.14 41.48 8.81
CA LEU B 225 -22.30 41.01 8.05
C LEU B 225 -23.43 42.05 8.07
N LYS B 226 -23.62 42.71 9.22
CA LYS B 226 -24.59 43.81 9.34
C LYS B 226 -24.31 44.96 8.38
N ASN B 227 -23.03 45.33 8.26
CA ASN B 227 -22.61 46.47 7.45
C ASN B 227 -22.37 46.17 5.97
N ALA B 228 -22.32 44.88 5.62
CA ALA B 228 -22.01 44.48 4.24
C ALA B 228 -23.22 44.60 3.33
N GLN B 229 -22.99 45.06 2.10
CA GLN B 229 -24.04 45.09 1.09
C GLN B 229 -23.92 43.91 0.12
N LYS B 230 -22.72 43.33 0.05
CA LYS B 230 -22.47 42.17 -0.81
C LYS B 230 -21.53 41.18 -0.12
N PRO B 231 -21.98 40.59 1.00
CA PRO B 231 -21.16 39.59 1.68
C PRO B 231 -21.16 38.26 0.92
N VAL B 232 -20.11 37.46 1.10
CA VAL B 232 -20.12 36.07 0.62
C VAL B 232 -19.49 35.16 1.68
N VAL B 233 -20.08 33.99 1.86
CA VAL B 233 -19.51 32.97 2.72
C VAL B 233 -18.82 31.95 1.83
N ILE B 234 -17.61 31.52 2.21
CA ILE B 234 -16.93 30.39 1.56
C ILE B 234 -16.74 29.30 2.62
N ALA B 235 -17.34 28.13 2.38
CA ALA B 235 -17.22 27.00 3.30
C ALA B 235 -16.30 25.94 2.71
N GLY B 236 -15.52 25.28 3.58
CA GLY B 236 -14.53 24.31 3.15
C GLY B 236 -14.60 22.98 3.88
N HIS B 237 -13.57 22.17 3.64
CA HIS B 237 -13.53 20.78 4.10
C HIS B 237 -13.53 20.60 5.62
N GLU B 238 -13.00 21.56 6.37
CA GLU B 238 -12.98 21.44 7.83
C GLU B 238 -14.40 21.49 8.43
N VAL B 239 -15.36 22.08 7.70
CA VAL B 239 -16.78 21.98 8.08
C VAL B 239 -17.25 20.53 8.03
N ILE B 240 -16.85 19.83 6.97
CA ILE B 240 -17.17 18.41 6.83
C ILE B 240 -16.48 17.60 7.93
N SER B 241 -15.21 17.90 8.19
CA SER B 241 -14.43 17.25 9.24
C SER B 241 -15.15 17.19 10.59
N PHE B 242 -15.81 18.28 10.96
CA PHE B 242 -16.48 18.41 12.26
C PHE B 242 -17.98 18.07 12.23
N GLY B 243 -18.49 17.65 11.08
CA GLY B 243 -19.92 17.38 10.95
C GLY B 243 -20.80 18.62 11.07
N LEU B 244 -20.31 19.75 10.58
CA LEU B 244 -20.99 21.04 10.74
C LEU B 244 -21.81 21.46 9.51
N GLU B 245 -21.98 20.56 8.55
CA GLU B 245 -22.68 20.88 7.29
C GLU B 245 -24.09 21.40 7.55
N LYS B 246 -24.86 20.68 8.37
CA LYS B 246 -26.23 21.08 8.70
C LYS B 246 -26.27 22.41 9.47
N THR B 247 -25.29 22.62 10.36
CA THR B 247 -25.17 23.88 11.08
C THR B 247 -24.92 25.07 10.15
N VAL B 248 -23.97 24.93 9.22
CA VAL B 248 -23.70 25.99 8.26
C VAL B 248 -24.88 26.19 7.29
N THR B 249 -25.49 25.09 6.84
CA THR B 249 -26.68 25.16 5.98
C THR B 249 -27.82 25.95 6.63
N GLN B 250 -28.07 25.67 7.92
CA GLN B 250 -29.15 26.32 8.66
C GLN B 250 -28.89 27.82 8.77
N PHE B 251 -27.64 28.16 9.10
CA PHE B 251 -27.22 29.56 9.22
C PHE B 251 -27.45 30.32 7.91
N VAL B 252 -27.04 29.75 6.80
CA VAL B 252 -27.16 30.38 5.47
C VAL B 252 -28.62 30.50 5.03
N SER B 253 -29.42 29.48 5.34
CA SER B 253 -30.84 29.47 5.02
C SER B 253 -31.59 30.58 5.76
N GLU B 254 -31.30 30.73 7.04
CA GLU B 254 -31.90 31.79 7.87
C GLU B 254 -31.52 33.20 7.42
N THR B 255 -30.25 33.40 7.10
CA THR B 255 -29.70 34.72 6.78
C THR B 255 -29.79 35.09 5.30
N LYS B 256 -30.01 34.08 4.45
CA LYS B 256 -30.03 34.24 2.99
C LYS B 256 -28.69 34.69 2.40
N LEU B 257 -27.60 34.48 3.16
CA LEU B 257 -26.28 34.94 2.72
C LEU B 257 -25.80 34.17 1.51
N PRO B 258 -25.25 34.89 0.50
CA PRO B 258 -24.57 34.24 -0.61
C PRO B 258 -23.48 33.29 -0.10
N ILE B 259 -23.44 32.07 -0.64
CA ILE B 259 -22.45 31.09 -0.24
C ILE B 259 -21.88 30.32 -1.44
N THR B 260 -20.57 30.09 -1.38
CA THR B 260 -19.87 29.24 -2.34
C THR B 260 -19.03 28.24 -1.54
N THR B 261 -18.59 27.16 -2.18
CA THR B 261 -17.52 26.32 -1.66
C THR B 261 -16.45 26.15 -2.74
N LEU B 262 -15.26 25.75 -2.32
CA LEU B 262 -14.28 25.21 -3.26
C LEU B 262 -14.70 23.77 -3.59
N ASN B 263 -14.01 23.16 -4.55
CA ASN B 263 -14.20 21.73 -4.81
C ASN B 263 -13.57 20.86 -3.70
N PHE B 264 -12.68 21.48 -2.92
CA PHE B 264 -12.11 20.93 -1.70
C PHE B 264 -13.03 21.32 -0.54
N GLY B 265 -13.91 20.39 -0.15
CA GLY B 265 -14.99 20.70 0.77
C GLY B 265 -16.35 20.83 0.10
N LYS B 266 -16.47 20.34 -1.14
CA LYS B 266 -17.77 20.33 -1.82
C LYS B 266 -18.80 19.57 -0.99
N SER B 267 -19.97 20.19 -0.83
CA SER B 267 -21.08 19.72 0.01
C SER B 267 -20.90 20.04 1.48
N ALA B 268 -20.00 20.99 1.80
CA ALA B 268 -19.91 21.56 3.14
C ALA B 268 -21.19 22.31 3.53
N VAL B 269 -21.95 22.73 2.52
CA VAL B 269 -23.30 23.25 2.66
C VAL B 269 -24.21 22.53 1.64
N ASP B 270 -25.51 22.48 1.92
CA ASP B 270 -26.50 21.96 0.98
C ASP B 270 -26.58 22.85 -0.27
N GLU B 271 -26.29 22.26 -1.43
CA GLU B 271 -26.24 23.04 -2.68
C GLU B 271 -27.61 23.43 -3.27
N SER B 272 -28.69 22.93 -2.65
CA SER B 272 -30.05 23.31 -3.05
C SER B 272 -30.51 24.65 -2.44
N LEU B 273 -29.72 25.22 -1.54
CA LEU B 273 -30.02 26.54 -0.97
C LEU B 273 -30.16 27.60 -2.08
N PRO B 274 -31.18 28.47 -1.98
CA PRO B 274 -31.36 29.55 -2.97
C PRO B 274 -30.13 30.44 -3.14
N SER B 275 -29.38 30.64 -2.05
CA SER B 275 -28.21 31.51 -2.05
C SER B 275 -26.89 30.80 -2.39
N PHE B 276 -26.96 29.50 -2.68
CA PHE B 276 -25.77 28.77 -3.13
C PHE B 276 -25.43 29.16 -4.57
N LEU B 277 -24.23 29.70 -4.76
CA LEU B 277 -23.83 30.27 -6.04
C LEU B 277 -23.24 29.24 -6.99
N GLY B 278 -22.59 28.22 -6.44
CA GLY B 278 -21.81 27.24 -7.23
C GLY B 278 -20.42 27.12 -6.66
N ILE B 279 -19.53 26.48 -7.42
CA ILE B 279 -18.18 26.22 -6.95
C ILE B 279 -17.20 27.30 -7.44
N TYR B 280 -16.52 27.93 -6.49
CA TYR B 280 -15.44 28.88 -6.79
C TYR B 280 -14.13 28.11 -7.00
N ASN B 281 -13.55 28.26 -8.20
CA ASN B 281 -12.31 27.57 -8.56
C ASN B 281 -11.37 28.53 -9.31
N GLY B 282 -11.07 29.66 -8.68
CA GLY B 282 -10.20 30.67 -9.28
C GLY B 282 -10.73 31.16 -10.62
N LYS B 283 -9.82 31.33 -11.59
CA LYS B 283 -10.20 31.88 -12.90
C LYS B 283 -10.99 30.88 -13.74
N LEU B 284 -11.02 29.61 -13.32
CA LEU B 284 -11.78 28.56 -13.97
C LEU B 284 -13.24 28.50 -13.49
N SER B 285 -13.60 29.38 -12.55
CA SER B 285 -14.99 29.55 -12.13
C SER B 285 -15.87 30.07 -13.28
N GLU B 286 -17.16 29.74 -13.20
CA GLU B 286 -18.16 30.38 -14.05
C GLU B 286 -18.09 31.92 -13.82
N ILE B 287 -18.16 32.69 -14.90
CA ILE B 287 -17.85 34.13 -14.87
C ILE B 287 -18.67 34.93 -13.86
N SER B 288 -19.98 34.73 -13.84
CA SER B 288 -20.83 35.49 -12.92
C SER B 288 -20.50 35.17 -11.46
N LEU B 289 -20.14 33.91 -11.19
CA LEU B 289 -19.78 33.50 -9.82
CA LEU B 289 -19.77 33.49 -9.82
C LEU B 289 -18.45 34.13 -9.41
N LYS B 290 -17.45 34.05 -10.28
CA LYS B 290 -16.14 34.67 -10.08
C LYS B 290 -16.30 36.16 -9.78
N ASN B 291 -17.06 36.85 -10.61
CA ASN B 291 -17.29 38.28 -10.44
C ASN B 291 -17.98 38.61 -9.12
N PHE B 292 -18.95 37.79 -8.72
CA PHE B 292 -19.67 38.00 -7.48
C PHE B 292 -18.72 37.84 -6.29
N VAL B 293 -18.06 36.68 -6.22
CA VAL B 293 -17.16 36.38 -5.11
C VAL B 293 -16.04 37.43 -5.00
N GLU B 294 -15.45 37.80 -6.13
CA GLU B 294 -14.26 38.67 -6.13
C GLU B 294 -14.57 40.18 -6.00
N SER B 295 -15.86 40.53 -6.07
CA SER B 295 -16.31 41.90 -5.80
C SER B 295 -17.08 42.03 -4.48
N ALA B 296 -17.20 40.94 -3.72
CA ALA B 296 -17.86 40.99 -2.42
C ALA B 296 -17.12 41.96 -1.49
N ASP B 297 -17.87 42.73 -0.71
CA ASP B 297 -17.27 43.71 0.21
C ASP B 297 -16.85 43.10 1.56
N PHE B 298 -17.31 41.86 1.81
CA PHE B 298 -16.90 41.11 3.00
C PHE B 298 -16.91 39.62 2.65
N ILE B 299 -15.85 38.92 3.06
CA ILE B 299 -15.72 37.47 2.87
C ILE B 299 -15.59 36.75 4.23
N LEU B 300 -16.48 35.80 4.51
CA LEU B 300 -16.32 34.92 5.68
C LEU B 300 -15.93 33.53 5.19
N MET B 301 -14.72 33.10 5.50
CA MET B 301 -14.26 31.74 5.14
C MET B 301 -14.35 30.81 6.36
N LEU B 302 -15.02 29.68 6.17
CA LEU B 302 -15.22 28.70 7.22
C LEU B 302 -14.58 27.36 6.83
N GLY B 303 -13.41 27.07 7.41
CA GLY B 303 -12.75 25.77 7.23
C GLY B 303 -12.19 25.50 5.85
N VAL B 304 -11.68 26.56 5.22
CA VAL B 304 -11.19 26.53 3.87
C VAL B 304 -9.66 26.43 3.84
N LYS B 305 -9.14 25.62 2.91
CA LYS B 305 -7.73 25.71 2.53
C LYS B 305 -7.60 25.84 1.00
N LEU B 306 -6.82 26.82 0.57
CA LEU B 306 -6.66 27.14 -0.84
C LEU B 306 -5.51 26.33 -1.45
N THR B 307 -5.85 25.35 -2.27
CA THR B 307 -4.86 24.42 -2.86
C THR B 307 -4.87 24.53 -4.38
N ASP B 308 -3.86 23.95 -5.05
CA ASP B 308 -3.74 24.11 -6.51
C ASP B 308 -4.99 23.64 -7.26
N SER B 309 -5.50 22.46 -6.92
CA SER B 309 -6.64 21.90 -7.66
C SER B 309 -7.98 22.56 -7.31
N SER B 310 -8.01 23.34 -6.24
CA SER B 310 -9.25 23.96 -5.75
C SER B 310 -9.27 25.48 -5.95
N THR B 311 -8.27 26.03 -6.64
CA THR B 311 -8.20 27.46 -6.92
C THR B 311 -7.79 27.74 -8.35
N GLY B 312 -8.02 26.80 -9.27
CA GLY B 312 -7.59 27.00 -10.64
C GLY B 312 -6.10 27.28 -10.73
N ALA B 313 -5.31 26.50 -9.99
CA ALA B 313 -3.86 26.64 -9.90
C ALA B 313 -3.44 28.00 -9.35
N PHE B 314 -4.05 28.37 -8.22
CA PHE B 314 -3.74 29.60 -7.47
C PHE B 314 -4.08 30.89 -8.23
N THR B 315 -5.18 30.87 -8.97
CA THR B 315 -5.64 32.06 -9.72
C THR B 315 -6.85 32.74 -9.05
N HIS B 316 -7.10 32.37 -7.80
CA HIS B 316 -8.09 33.03 -6.95
C HIS B 316 -7.70 34.48 -6.63
N HIS B 317 -8.70 35.32 -6.40
CA HIS B 317 -8.46 36.69 -5.92
C HIS B 317 -9.34 37.01 -4.73
N LEU B 318 -8.82 36.72 -3.54
CA LEU B 318 -9.55 36.91 -2.30
C LEU B 318 -8.77 37.87 -1.40
N ASP B 319 -9.34 39.06 -1.18
CA ASP B 319 -8.66 40.14 -0.49
C ASP B 319 -8.75 39.96 1.03
N GLU B 320 -7.61 39.64 1.64
CA GLU B 320 -7.53 39.44 3.09
C GLU B 320 -7.98 40.69 3.88
N ASN B 321 -7.82 41.87 3.29
CA ASN B 321 -8.32 43.11 3.90
C ASN B 321 -9.84 43.15 4.09
N LYS B 322 -10.57 42.34 3.31
CA LYS B 322 -12.02 42.25 3.41
C LYS B 322 -12.50 40.92 4.04
N MET B 323 -11.60 40.21 4.74
CA MET B 323 -11.87 38.81 5.09
C MET B 323 -11.72 38.49 6.58
N ILE B 324 -12.65 37.68 7.08
CA ILE B 324 -12.48 36.95 8.32
C ILE B 324 -12.46 35.47 7.95
N SER B 325 -11.37 34.78 8.25
CA SER B 325 -11.26 33.34 7.99
C SER B 325 -11.12 32.58 9.32
N LEU B 326 -11.87 31.49 9.43
CA LEU B 326 -11.80 30.63 10.60
C LEU B 326 -11.39 29.23 10.14
N ASN B 327 -10.34 28.71 10.76
CA ASN B 327 -9.89 27.35 10.53
C ASN B 327 -9.68 26.66 11.87
N ILE B 328 -9.52 25.34 11.84
CA ILE B 328 -9.32 24.56 13.06
C ILE B 328 -8.10 25.07 13.84
N ASP B 329 -7.02 25.35 13.12
CA ASP B 329 -5.72 25.72 13.72
C ASP B 329 -5.52 27.21 13.91
N GLU B 330 -6.30 28.03 13.22
CA GLU B 330 -5.99 29.45 13.10
C GLU B 330 -7.18 30.25 12.62
N GLY B 331 -7.27 31.48 13.09
CA GLY B 331 -8.24 32.46 12.60
C GLY B 331 -7.50 33.73 12.17
N ILE B 332 -7.97 34.36 11.10
CA ILE B 332 -7.43 35.64 10.64
C ILE B 332 -8.58 36.63 10.50
N ILE B 333 -8.55 37.68 11.33
CA ILE B 333 -9.59 38.68 11.39
C ILE B 333 -9.02 39.96 10.78
N PHE B 334 -9.34 40.22 9.52
CA PHE B 334 -8.79 41.35 8.79
C PHE B 334 -7.27 41.48 8.97
N ASN B 335 -6.56 40.41 8.61
CA ASN B 335 -5.09 40.31 8.68
C ASN B 335 -4.49 40.09 10.07
N LYS B 336 -5.29 40.12 11.13
CA LYS B 336 -4.79 39.90 12.49
C LYS B 336 -5.00 38.43 12.87
N VAL B 337 -3.90 37.76 13.20
CA VAL B 337 -3.93 36.33 13.50
C VAL B 337 -4.41 36.05 14.92
N VAL B 338 -5.30 35.07 15.06
CA VAL B 338 -5.81 34.61 16.35
C VAL B 338 -5.74 33.09 16.42
N GLU B 339 -5.53 32.54 17.62
CA GLU B 339 -5.42 31.09 17.80
C GLU B 339 -6.18 30.54 19.01
N ASP B 340 -6.50 31.39 19.98
CA ASP B 340 -7.16 30.95 21.21
C ASP B 340 -8.67 30.86 21.03
N PHE B 341 -9.12 30.00 20.11
CA PHE B 341 -10.56 29.77 19.92
C PHE B 341 -10.87 28.34 19.47
N ASP B 342 -12.08 27.91 19.80
CA ASP B 342 -12.63 26.62 19.42
C ASP B 342 -13.42 26.82 18.11
N PHE B 343 -12.88 26.29 17.02
CA PHE B 343 -13.49 26.42 15.69
C PHE B 343 -14.94 25.94 15.68
N ARG B 344 -15.18 24.74 16.22
CA ARG B 344 -16.53 24.16 16.25
C ARG B 344 -17.50 25.05 17.05
N ALA B 345 -17.04 25.54 18.20
CA ALA B 345 -17.86 26.40 19.06
C ALA B 345 -18.26 27.70 18.36
N VAL B 346 -17.34 28.33 17.65
CA VAL B 346 -17.63 29.57 16.93
C VAL B 346 -18.64 29.32 15.79
N VAL B 347 -18.36 28.34 14.93
CA VAL B 347 -19.28 27.99 13.85
C VAL B 347 -20.67 27.68 14.41
N SER B 348 -20.73 26.96 15.53
CA SER B 348 -21.99 26.57 16.15
C SER B 348 -22.75 27.75 16.81
N SER B 349 -22.13 28.91 16.89
CA SER B 349 -22.77 30.11 17.47
C SER B 349 -23.21 31.14 16.43
N LEU B 350 -22.99 30.84 15.15
CA LEU B 350 -23.33 31.77 14.07
C LEU B 350 -24.84 32.03 13.96
N SER B 351 -25.66 31.01 14.22
CA SER B 351 -27.12 31.19 14.17
C SER B 351 -27.68 32.04 15.33
N GLU B 352 -26.87 32.30 16.35
CA GLU B 352 -27.23 33.21 17.45
C GLU B 352 -26.99 34.69 17.12
N LEU B 353 -26.28 34.98 16.02
CA LEU B 353 -26.04 36.36 15.62
C LEU B 353 -27.34 37.01 15.14
N LYS B 354 -27.49 38.31 15.34
CA LYS B 354 -28.75 38.99 15.04
C LYS B 354 -28.60 40.18 14.10
N GLY B 355 -29.70 40.52 13.43
CA GLY B 355 -29.72 41.64 12.49
C GLY B 355 -28.97 41.34 11.22
N ILE B 356 -28.82 40.05 10.91
CA ILE B 356 -28.21 39.60 9.68
C ILE B 356 -29.31 39.07 8.76
N GLU B 357 -29.51 39.75 7.65
CA GLU B 357 -30.33 39.22 6.58
C GLU B 357 -29.89 39.88 5.29
N TYR B 358 -29.43 39.07 4.34
CA TYR B 358 -29.06 39.56 3.02
C TYR B 358 -30.34 39.86 2.24
N GLU B 359 -30.40 41.06 1.67
CA GLU B 359 -31.58 41.54 0.95
C GLU B 359 -31.29 41.76 -0.54
N GLY B 360 -30.15 41.28 -1.01
CA GLY B 360 -29.74 41.48 -2.39
C GLY B 360 -30.05 40.29 -3.28
N GLN B 361 -29.47 40.32 -4.48
CA GLN B 361 -29.64 39.26 -5.46
C GLN B 361 -28.43 38.32 -5.44
N TYR B 362 -28.53 37.24 -6.19
CA TYR B 362 -27.44 36.29 -6.31
C TYR B 362 -26.90 36.37 -7.74
N ILE B 363 -26.77 35.24 -8.43
CA ILE B 363 -26.40 35.21 -9.84
C ILE B 363 -27.45 34.38 -10.58
N ASP B 364 -27.52 34.56 -11.89
CA ASP B 364 -28.54 33.86 -12.69
C ASP B 364 -28.19 32.39 -12.86
N LYS B 365 -29.18 31.53 -12.65
CA LYS B 365 -29.04 30.09 -12.90
C LYS B 365 -29.12 29.80 -14.40
N GLU B 368 -30.75 24.69 -19.06
CA GLU B 368 -30.91 23.89 -20.28
C GLU B 368 -31.34 22.47 -19.97
N GLU B 369 -32.39 22.01 -20.65
CA GLU B 369 -32.88 20.63 -20.51
C GLU B 369 -31.95 19.68 -21.24
N PHE B 370 -31.56 18.57 -20.60
CA PHE B 370 -30.69 17.59 -21.25
C PHE B 370 -31.51 16.61 -22.08
N ILE B 371 -31.26 16.61 -23.38
CA ILE B 371 -31.96 15.74 -24.31
C ILE B 371 -30.95 14.76 -24.90
N PRO B 372 -31.06 13.46 -24.53
CA PRO B 372 -30.10 12.49 -25.06
C PRO B 372 -30.32 12.13 -26.53
N SER B 373 -29.27 11.68 -27.19
CA SER B 373 -29.35 11.15 -28.55
C SER B 373 -28.61 9.81 -28.61
N SER B 374 -28.55 9.24 -29.81
CA SER B 374 -27.80 8.02 -30.03
C SER B 374 -26.29 8.28 -30.13
N ALA B 375 -25.88 9.54 -30.02
CA ALA B 375 -24.47 9.91 -30.12
C ALA B 375 -23.63 9.20 -29.05
N PRO B 376 -22.46 8.69 -29.45
CA PRO B 376 -21.47 8.20 -28.48
C PRO B 376 -21.24 9.19 -27.34
N LEU B 377 -21.06 8.64 -26.15
CA LEU B 377 -20.87 9.40 -24.93
C LEU B 377 -19.62 10.28 -25.05
N SER B 378 -19.77 11.56 -24.70
CA SER B 378 -18.63 12.45 -24.57
C SER B 378 -18.64 13.10 -23.19
N GLN B 379 -17.48 13.60 -22.78
CA GLN B 379 -17.25 14.01 -21.40
C GLN B 379 -18.20 15.12 -20.95
N ASP B 380 -18.22 16.24 -21.68
CA ASP B 380 -19.06 17.37 -21.28
C ASP B 380 -20.53 17.00 -21.24
N ARG B 381 -20.99 16.20 -22.21
CA ARG B 381 -22.37 15.74 -22.25
C ARG B 381 -22.67 14.76 -21.10
N LEU B 382 -21.71 13.91 -20.78
CA LEU B 382 -21.84 13.00 -19.64
C LEU B 382 -22.19 13.76 -18.35
N TRP B 383 -21.44 14.81 -18.04
CA TRP B 383 -21.67 15.54 -16.79
C TRP B 383 -22.94 16.38 -16.82
N GLN B 384 -23.36 16.81 -18.02
CA GLN B 384 -24.68 17.44 -18.19
C GLN B 384 -25.80 16.46 -17.84
N ALA B 385 -25.66 15.23 -18.33
CA ALA B 385 -26.64 14.16 -18.06
C ALA B 385 -26.71 13.82 -16.57
N VAL B 386 -25.54 13.66 -15.96
CA VAL B 386 -25.48 13.37 -14.52
C VAL B 386 -26.17 14.47 -13.72
N GLU B 387 -25.86 15.73 -14.02
CA GLU B 387 -26.51 16.84 -13.31
C GLU B 387 -28.03 16.81 -13.42
N SER B 388 -28.52 16.52 -14.62
N SER B 388 -28.53 16.52 -14.62
CA SER B 388 -29.96 16.47 -14.89
CA SER B 388 -29.98 16.49 -14.86
C SER B 388 -30.65 15.31 -14.16
C SER B 388 -30.65 15.31 -14.15
N LEU B 389 -29.93 14.19 -14.02
CA LEU B 389 -30.50 12.96 -13.45
C LEU B 389 -30.28 12.73 -11.95
N THR B 390 -29.29 13.41 -11.36
N THR B 390 -29.30 13.41 -11.36
CA THR B 390 -29.02 13.24 -9.92
CA THR B 390 -29.02 13.27 -9.92
C THR B 390 -30.23 13.64 -9.09
C THR B 390 -30.25 13.64 -9.09
N GLN B 391 -30.44 12.93 -7.97
CA GLN B 391 -31.61 13.11 -7.11
C GLN B 391 -31.18 13.56 -5.71
N SER B 392 -32.18 13.95 -4.91
CA SER B 392 -31.98 14.20 -3.49
C SER B 392 -31.54 12.91 -2.81
N ASN B 393 -30.97 13.04 -1.62
CA ASN B 393 -30.56 11.92 -0.77
C ASN B 393 -29.54 10.99 -1.46
N GLU B 394 -28.59 11.58 -2.18
CA GLU B 394 -27.50 10.83 -2.85
C GLU B 394 -26.14 11.35 -2.38
N THR B 395 -25.12 10.51 -2.48
CA THR B 395 -23.74 10.93 -2.26
C THR B 395 -22.96 10.63 -3.53
N ILE B 396 -22.42 11.67 -4.15
CA ILE B 396 -21.60 11.53 -5.35
C ILE B 396 -20.13 11.43 -4.97
N VAL B 397 -19.46 10.37 -5.40
CA VAL B 397 -18.03 10.18 -5.14
C VAL B 397 -17.31 10.24 -6.49
N ALA B 398 -16.28 11.06 -6.58
CA ALA B 398 -15.60 11.29 -7.86
C ALA B 398 -14.08 11.25 -7.72
N GLU B 399 -13.44 10.42 -8.54
CA GLU B 399 -12.01 10.16 -8.47
C GLU B 399 -11.22 11.19 -9.27
N GLN B 400 -10.01 11.47 -8.80
CA GLN B 400 -9.08 12.33 -9.54
C GLN B 400 -8.93 11.81 -10.97
N GLY B 401 -8.99 12.72 -11.92
CA GLY B 401 -9.15 12.36 -13.32
C GLY B 401 -10.37 13.06 -13.89
N THR B 402 -10.82 12.61 -15.04
CA THR B 402 -12.00 13.20 -15.69
C THR B 402 -13.22 13.23 -14.74
N SER B 403 -13.38 12.19 -13.93
CA SER B 403 -14.51 12.11 -13.00
C SER B 403 -14.57 13.29 -12.04
N PHE B 404 -13.48 13.60 -11.36
CA PHE B 404 -13.50 14.67 -10.36
C PHE B 404 -13.75 16.02 -11.02
N PHE B 405 -13.01 16.29 -12.09
CA PHE B 405 -13.10 17.59 -12.73
C PHE B 405 -14.45 17.82 -13.40
N GLY B 406 -15.07 16.76 -13.92
CA GLY B 406 -16.42 16.83 -14.45
C GLY B 406 -17.51 16.95 -13.40
N ALA B 407 -17.48 16.04 -12.42
CA ALA B 407 -18.53 15.97 -11.39
C ALA B 407 -18.49 17.11 -10.37
N SER B 408 -17.33 17.74 -10.19
CA SER B 408 -17.17 18.76 -9.14
C SER B 408 -18.04 20.01 -9.35
N THR B 409 -18.46 20.27 -10.60
CA THR B 409 -19.29 21.45 -10.88
C THR B 409 -20.80 21.17 -11.00
N ILE B 410 -21.20 19.92 -10.80
CA ILE B 410 -22.61 19.57 -10.79
C ILE B 410 -23.30 20.17 -9.55
N PHE B 411 -24.48 20.75 -9.75
CA PHE B 411 -25.28 21.25 -8.62
C PHE B 411 -26.01 20.09 -7.95
N LEU B 412 -25.68 19.83 -6.68
CA LEU B 412 -26.30 18.75 -5.94
C LEU B 412 -27.73 19.13 -5.51
N LYS B 413 -28.60 18.13 -5.46
CA LYS B 413 -29.97 18.27 -4.96
C LYS B 413 -30.00 18.34 -3.44
N SER B 414 -31.18 18.53 -2.88
CA SER B 414 -31.35 18.62 -1.43
C SER B 414 -30.89 17.35 -0.70
N ASN B 415 -30.25 17.55 0.44
CA ASN B 415 -29.69 16.48 1.26
C ASN B 415 -28.73 15.55 0.52
N SER B 416 -28.07 16.06 -0.50
CA SER B 416 -27.09 15.27 -1.23
C SER B 416 -25.68 15.78 -0.92
N ARG B 417 -24.73 14.85 -0.97
CA ARG B 417 -23.35 15.11 -0.56
C ARG B 417 -22.36 14.67 -1.64
N PHE B 418 -21.09 15.03 -1.42
CA PHE B 418 -20.02 14.79 -2.36
C PHE B 418 -18.78 14.37 -1.58
N ILE B 419 -18.05 13.39 -2.13
CA ILE B 419 -16.73 12.99 -1.65
C ILE B 419 -15.72 13.08 -2.80
N GLY B 420 -14.75 13.96 -2.61
CA GLY B 420 -13.60 14.10 -3.49
C GLY B 420 -12.38 14.37 -2.63
N GLN B 421 -11.19 14.09 -3.16
CA GLN B 421 -9.94 14.20 -2.41
C GLN B 421 -8.91 15.02 -3.19
N PRO B 422 -9.20 16.31 -3.47
CA PRO B 422 -8.34 17.09 -4.36
C PRO B 422 -6.97 17.52 -3.81
N LEU B 423 -6.81 17.53 -2.49
CA LEU B 423 -5.53 17.90 -1.88
C LEU B 423 -4.58 16.71 -1.88
N TRP B 424 -4.99 15.61 -1.24
CA TRP B 424 -4.11 14.44 -1.19
C TRP B 424 -4.05 13.78 -2.58
N GLY B 425 -5.20 13.54 -3.19
CA GLY B 425 -5.32 13.12 -4.58
C GLY B 425 -4.73 11.76 -4.90
N SER B 426 -4.99 10.78 -4.05
CA SER B 426 -4.47 9.42 -4.25
C SER B 426 -5.43 8.60 -5.09
N ILE B 427 -5.07 8.35 -6.35
CA ILE B 427 -5.99 7.60 -7.22
C ILE B 427 -6.23 6.18 -6.71
N GLY B 428 -7.48 5.74 -6.77
CA GLY B 428 -7.90 4.47 -6.19
C GLY B 428 -8.66 4.67 -4.90
N TYR B 429 -8.36 5.74 -4.18
CA TYR B 429 -9.05 6.09 -2.93
C TYR B 429 -10.58 5.93 -2.99
N THR B 430 -11.19 6.43 -4.06
CA THR B 430 -12.65 6.63 -4.08
C THR B 430 -13.45 5.35 -4.04
N PHE B 431 -12.90 4.24 -4.53
CA PHE B 431 -13.69 3.00 -4.57
C PHE B 431 -13.91 2.44 -3.15
N PRO B 432 -12.84 2.12 -2.40
CA PRO B 432 -13.06 1.80 -0.99
C PRO B 432 -13.75 2.89 -0.16
N ALA B 433 -13.41 4.16 -0.41
CA ALA B 433 -14.04 5.27 0.32
C ALA B 433 -15.54 5.32 0.08
N ALA B 434 -15.95 5.15 -1.19
CA ALA B 434 -17.38 5.13 -1.52
C ALA B 434 -18.11 4.02 -0.76
N LEU B 435 -17.51 2.83 -0.68
CA LEU B 435 -18.11 1.72 0.07
C LEU B 435 -18.19 2.01 1.57
N GLY B 436 -17.13 2.60 2.12
CA GLY B 436 -17.14 2.95 3.55
C GLY B 436 -18.20 3.98 3.90
N SER B 437 -18.29 5.03 3.08
CA SER B 437 -19.33 6.04 3.24
C SER B 437 -20.74 5.41 3.10
N GLN B 438 -20.89 4.48 2.17
CA GLN B 438 -22.18 3.81 1.93
C GLN B 438 -22.60 2.94 3.12
N ILE B 439 -21.62 2.30 3.75
CA ILE B 439 -21.85 1.56 5.00
C ILE B 439 -22.25 2.51 6.13
N ALA B 440 -21.59 3.68 6.16
CA ALA B 440 -21.86 4.72 7.16
C ALA B 440 -23.28 5.28 7.09
N ASP B 441 -23.81 5.50 5.88
CA ASP B 441 -25.20 5.94 5.71
C ASP B 441 -25.93 5.11 4.66
N LYS B 442 -26.64 4.08 5.12
CA LYS B 442 -27.41 3.18 4.24
C LYS B 442 -28.53 3.90 3.48
N GLU B 443 -28.94 5.07 3.96
CA GLU B 443 -30.08 5.78 3.37
C GLU B 443 -29.68 6.86 2.35
N SER B 444 -28.38 7.03 2.13
CA SER B 444 -27.90 7.90 1.07
C SER B 444 -27.36 7.01 -0.05
N ARG B 445 -28.00 7.05 -1.22
CA ARG B 445 -27.56 6.23 -2.36
C ARG B 445 -26.25 6.78 -2.91
N HIS B 446 -25.20 5.96 -2.88
CA HIS B 446 -23.90 6.40 -3.36
C HIS B 446 -23.75 6.15 -4.85
N LEU B 447 -23.32 7.20 -5.56
CA LEU B 447 -22.95 7.13 -6.97
C LEU B 447 -21.46 7.42 -7.09
N LEU B 448 -20.70 6.43 -7.56
CA LEU B 448 -19.25 6.53 -7.71
C LEU B 448 -18.91 6.72 -9.18
N PHE B 449 -18.05 7.70 -9.44
CA PHE B 449 -17.45 7.89 -10.76
C PHE B 449 -15.94 7.72 -10.59
N ILE B 450 -15.41 6.64 -11.16
CA ILE B 450 -14.00 6.29 -11.03
C ILE B 450 -13.45 5.90 -12.41
N GLY B 451 -12.24 6.38 -12.72
CA GLY B 451 -11.59 6.05 -13.98
C GLY B 451 -11.04 4.63 -14.01
N ASP B 452 -10.83 4.10 -15.20
CA ASP B 452 -10.22 2.77 -15.38
C ASP B 452 -8.84 2.65 -14.68
N GLY B 453 -8.00 3.67 -14.87
CA GLY B 453 -6.66 3.67 -14.27
C GLY B 453 -6.69 3.59 -12.75
N SER B 454 -7.61 4.33 -12.16
CA SER B 454 -7.75 4.41 -10.71
C SER B 454 -8.37 3.15 -10.10
N LEU B 455 -9.40 2.59 -10.73
CA LEU B 455 -10.01 1.35 -10.26
C LEU B 455 -8.96 0.22 -10.11
N GLN B 456 -8.01 0.17 -11.03
CA GLN B 456 -6.97 -0.86 -11.03
C GLN B 456 -6.10 -0.88 -9.75
N LEU B 457 -6.04 0.24 -9.02
CA LEU B 457 -5.29 0.27 -7.74
C LEU B 457 -6.00 -0.40 -6.55
N THR B 458 -7.34 -0.46 -6.56
CA THR B 458 -8.11 -0.85 -5.38
C THR B 458 -9.30 -1.79 -5.66
N VAL B 459 -9.28 -2.42 -6.83
CA VAL B 459 -10.41 -3.25 -7.30
C VAL B 459 -10.82 -4.38 -6.35
N GLN B 460 -9.90 -4.88 -5.52
CA GLN B 460 -10.19 -6.08 -4.71
C GLN B 460 -11.29 -5.93 -3.66
N GLU B 461 -11.66 -4.69 -3.32
CA GLU B 461 -12.75 -4.48 -2.36
C GLU B 461 -14.15 -4.77 -2.96
N LEU B 462 -14.18 -5.11 -4.25
CA LEU B 462 -15.39 -5.63 -4.88
C LEU B 462 -15.95 -6.84 -4.11
N GLY B 463 -15.07 -7.72 -3.61
CA GLY B 463 -15.50 -8.87 -2.79
C GLY B 463 -16.26 -8.46 -1.54
N LEU B 464 -15.72 -7.49 -0.81
CA LEU B 464 -16.38 -6.91 0.36
C LEU B 464 -17.76 -6.35 0.01
N SER B 465 -17.85 -5.61 -1.10
CA SER B 465 -19.13 -5.01 -1.50
C SER B 465 -20.20 -6.07 -1.73
N ILE B 466 -19.80 -7.21 -2.29
CA ILE B 466 -20.69 -8.36 -2.54
C ILE B 466 -21.08 -9.04 -1.23
N ARG B 467 -20.09 -9.37 -0.39
CA ARG B 467 -20.36 -9.99 0.91
C ARG B 467 -21.29 -9.14 1.77
N GLU B 468 -21.09 -7.82 1.77
CA GLU B 468 -21.85 -6.92 2.64
C GLU B 468 -23.19 -6.49 2.02
N LYS B 469 -23.43 -6.92 0.79
CA LYS B 469 -24.68 -6.61 0.06
C LYS B 469 -24.95 -5.11 -0.03
N LEU B 470 -23.91 -4.36 -0.37
CA LEU B 470 -24.02 -2.91 -0.57
C LEU B 470 -24.62 -2.63 -1.93
N ASN B 471 -25.41 -1.57 -2.05
CA ASN B 471 -26.12 -1.24 -3.28
C ASN B 471 -25.74 0.09 -3.93
N PRO B 472 -24.43 0.41 -3.99
CA PRO B 472 -24.08 1.65 -4.68
C PRO B 472 -24.26 1.52 -6.19
N ILE B 473 -24.25 2.66 -6.87
CA ILE B 473 -24.25 2.73 -8.32
C ILE B 473 -22.86 3.17 -8.77
N CYS B 474 -22.13 2.28 -9.41
CA CYS B 474 -20.73 2.51 -9.78
C CYS B 474 -20.56 2.67 -11.29
N PHE B 475 -19.96 3.80 -11.68
CA PHE B 475 -19.62 4.08 -13.07
C PHE B 475 -18.11 4.05 -13.24
N ILE B 476 -17.65 3.20 -14.14
CA ILE B 476 -16.23 3.03 -14.43
C ILE B 476 -15.97 3.64 -15.81
N ILE B 477 -15.14 4.68 -15.83
CA ILE B 477 -14.86 5.39 -17.08
C ILE B 477 -13.71 4.72 -17.82
N ASN B 478 -14.07 3.89 -18.81
CA ASN B 478 -13.10 3.23 -19.66
C ASN B 478 -12.78 4.15 -20.82
N ASN B 479 -11.68 4.87 -20.68
CA ASN B 479 -11.15 5.71 -21.76
C ASN B 479 -9.74 5.27 -22.13
N ASP B 480 -9.47 3.99 -21.97
CA ASP B 480 -8.24 3.35 -22.43
C ASP B 480 -6.99 4.03 -21.87
N GLY B 481 -6.99 4.31 -20.56
CA GLY B 481 -5.78 4.81 -19.88
C GLY B 481 -5.97 6.04 -19.01
N TYR B 482 -4.85 6.71 -18.74
CA TYR B 482 -4.80 7.87 -17.83
C TYR B 482 -5.02 9.20 -18.58
N THR B 483 -6.27 9.55 -18.86
CA THR B 483 -6.57 10.73 -19.67
C THR B 483 -6.15 12.05 -18.99
N VAL B 484 -6.39 12.20 -17.70
CA VAL B 484 -5.90 13.38 -16.98
C VAL B 484 -4.38 13.59 -17.16
N GLU B 485 -3.62 12.49 -17.13
CA GLU B 485 -2.17 12.58 -17.30
C GLU B 485 -1.78 12.92 -18.74
N ARG B 486 -2.53 12.37 -19.71
CA ARG B 486 -2.32 12.71 -21.13
C ARG B 486 -2.50 14.20 -21.37
N GLU B 487 -3.45 14.80 -20.65
CA GLU B 487 -3.75 16.24 -20.73
C GLU B 487 -2.67 17.11 -20.09
N ILE B 488 -1.93 16.54 -19.14
CA ILE B 488 -0.81 17.24 -18.52
C ILE B 488 0.44 17.13 -19.38
N HIS B 489 0.80 15.90 -19.76
CA HIS B 489 2.06 15.65 -20.46
C HIS B 489 2.07 14.27 -21.13
N GLY B 490 2.61 14.22 -22.35
CA GLY B 490 2.80 12.95 -23.07
C GLY B 490 1.51 12.27 -23.50
N PRO B 491 0.68 12.97 -24.28
CA PRO B 491 -0.64 12.44 -24.68
C PRO B 491 -0.60 11.10 -25.41
N THR B 492 0.49 10.79 -26.11
CA THR B 492 0.64 9.50 -26.81
C THR B 492 1.82 8.67 -26.31
N GLN B 493 2.34 9.01 -25.13
CA GLN B 493 3.43 8.22 -24.52
C GLN B 493 2.87 6.94 -23.90
N SER B 494 3.62 5.85 -24.02
CA SER B 494 3.20 4.52 -23.57
C SER B 494 2.92 4.40 -22.07
N TYR B 495 3.56 5.26 -21.26
CA TYR B 495 3.32 5.23 -19.80
C TYR B 495 1.93 5.70 -19.40
N ASN B 496 1.22 6.37 -20.31
CA ASN B 496 -0.18 6.76 -20.06
C ASN B 496 -1.19 5.68 -20.48
N ASP B 497 -0.71 4.59 -21.07
CA ASP B 497 -1.54 3.43 -21.36
C ASP B 497 -1.57 2.48 -20.17
N ILE B 498 -2.68 1.74 -20.06
CA ILE B 498 -2.84 0.68 -19.06
C ILE B 498 -3.41 -0.58 -19.72
N PRO B 499 -3.17 -1.76 -19.12
CA PRO B 499 -3.83 -2.95 -19.65
C PRO B 499 -5.35 -2.87 -19.54
N MET B 500 -6.08 -3.07 -20.65
CA MET B 500 -7.54 -2.96 -20.59
C MET B 500 -8.17 -4.24 -20.04
N TRP B 501 -8.80 -4.12 -18.87
CA TRP B 501 -9.57 -5.22 -18.34
C TRP B 501 -10.97 -5.21 -18.95
N ASN B 502 -11.67 -6.33 -18.79
CA ASN B 502 -13.10 -6.40 -19.09
C ASN B 502 -13.87 -5.99 -17.83
N TYR B 503 -13.96 -4.68 -17.61
CA TYR B 503 -14.42 -4.13 -16.32
C TYR B 503 -15.81 -4.60 -15.95
N SER B 504 -16.71 -4.68 -16.92
CA SER B 504 -18.09 -5.09 -16.68
C SER B 504 -18.21 -6.51 -16.14
N LYS B 505 -17.19 -7.34 -16.38
CA LYS B 505 -17.20 -8.74 -15.96
C LYS B 505 -16.62 -8.95 -14.56
N LEU B 506 -16.13 -7.89 -13.93
CA LEU B 506 -15.47 -8.02 -12.63
C LEU B 506 -16.37 -8.61 -11.53
N PRO B 507 -17.59 -8.06 -11.32
CA PRO B 507 -18.44 -8.62 -10.25
C PRO B 507 -18.67 -10.13 -10.35
N GLU B 508 -19.01 -10.62 -11.54
CA GLU B 508 -19.17 -12.06 -11.77
C GLU B 508 -17.93 -12.85 -11.37
N THR B 509 -16.76 -12.38 -11.80
CA THR B 509 -15.50 -13.08 -11.52
C THR B 509 -15.17 -13.07 -10.03
N PHE B 510 -15.57 -12.00 -9.35
CA PHE B 510 -15.40 -11.85 -7.91
C PHE B 510 -16.54 -12.52 -7.09
N GLY B 511 -17.43 -13.22 -7.79
CA GLY B 511 -18.43 -14.09 -7.16
C GLY B 511 -19.84 -13.56 -7.09
N ALA B 512 -20.10 -12.39 -7.69
CA ALA B 512 -21.43 -11.80 -7.65
C ALA B 512 -22.41 -12.56 -8.54
N THR B 513 -23.65 -12.67 -8.10
CA THR B 513 -24.73 -13.19 -8.93
C THR B 513 -25.64 -12.04 -9.35
N GLU B 514 -26.53 -12.32 -10.30
CA GLU B 514 -27.37 -11.27 -10.89
C GLU B 514 -28.40 -10.69 -9.94
N ASP B 515 -28.72 -11.39 -8.85
CA ASP B 515 -29.60 -10.84 -7.81
C ASP B 515 -28.91 -9.83 -6.89
N ARG B 516 -27.60 -9.65 -7.06
CA ARG B 516 -26.80 -8.77 -6.20
C ARG B 516 -26.24 -7.58 -6.97
N VAL B 517 -25.56 -7.86 -8.08
CA VAL B 517 -24.98 -6.83 -8.94
C VAL B 517 -25.51 -6.91 -10.38
N VAL B 518 -25.91 -5.74 -10.92
CA VAL B 518 -26.27 -5.61 -12.32
C VAL B 518 -25.12 -4.97 -13.06
N SER B 519 -24.56 -5.68 -14.04
CA SER B 519 -23.42 -5.18 -14.80
C SER B 519 -23.80 -4.86 -16.25
N LYS B 520 -23.30 -3.73 -16.75
CA LYS B 520 -23.59 -3.32 -18.12
C LYS B 520 -22.43 -2.52 -18.72
N ILE B 521 -22.38 -2.49 -20.05
CA ILE B 521 -21.49 -1.59 -20.78
C ILE B 521 -22.35 -0.55 -21.50
N VAL B 522 -22.00 0.72 -21.35
CA VAL B 522 -22.74 1.85 -21.92
C VAL B 522 -21.86 2.66 -22.86
N ARG B 523 -22.35 2.89 -24.09
CA ARG B 523 -21.60 3.61 -25.13
C ARG B 523 -22.23 4.93 -25.57
N THR B 524 -23.55 5.06 -25.47
CA THR B 524 -24.26 6.23 -26.03
C THR B 524 -24.99 7.02 -24.95
N GLU B 525 -25.39 8.23 -25.31
CA GLU B 525 -26.16 9.10 -24.41
C GLU B 525 -27.51 8.48 -24.03
N ASN B 526 -28.22 7.91 -25.02
CA ASN B 526 -29.49 7.24 -24.74
C ASN B 526 -29.30 6.07 -23.76
N GLU B 527 -28.27 5.26 -24.00
CA GLU B 527 -27.96 4.14 -23.10
C GLU B 527 -27.66 4.63 -21.68
N PHE B 528 -26.92 5.74 -21.57
CA PHE B 528 -26.56 6.27 -20.26
C PHE B 528 -27.79 6.71 -19.45
N VAL B 529 -28.66 7.48 -20.09
CA VAL B 529 -29.86 8.00 -19.41
C VAL B 529 -30.73 6.84 -18.93
N SER B 530 -30.89 5.85 -19.80
CA SER B 530 -31.64 4.64 -19.51
C SER B 530 -31.07 3.88 -18.29
N VAL B 531 -29.77 3.61 -18.31
CA VAL B 531 -29.13 2.82 -17.25
C VAL B 531 -29.09 3.58 -15.92
N MET B 532 -28.81 4.88 -15.95
CA MET B 532 -28.75 5.65 -14.70
C MET B 532 -30.11 5.68 -14.03
N LYS B 533 -31.15 5.95 -14.82
CA LYS B 533 -32.54 5.92 -14.32
C LYS B 533 -32.91 4.55 -13.75
N GLU B 534 -32.58 3.50 -14.50
CA GLU B 534 -32.80 2.10 -14.10
C GLU B 534 -32.11 1.84 -12.75
N ALA B 535 -30.84 2.23 -12.67
CA ALA B 535 -30.04 2.06 -11.45
C ALA B 535 -30.69 2.78 -10.27
N GLN B 536 -31.05 4.05 -10.46
CA GLN B 536 -31.67 4.85 -9.39
C GLN B 536 -33.02 4.29 -8.92
N ALA B 537 -33.75 3.67 -9.84
CA ALA B 537 -35.05 3.05 -9.54
C ALA B 537 -34.92 1.71 -8.78
N ASP B 538 -33.78 1.04 -8.93
CA ASP B 538 -33.56 -0.26 -8.32
C ASP B 538 -32.66 -0.13 -7.09
N VAL B 539 -33.28 0.17 -5.94
CA VAL B 539 -32.55 0.41 -4.69
C VAL B 539 -31.98 -0.86 -4.04
N ASN B 540 -32.40 -2.04 -4.50
CA ASN B 540 -32.04 -3.31 -3.86
C ASN B 540 -30.83 -4.04 -4.46
N ARG B 541 -30.17 -3.46 -5.44
CA ARG B 541 -29.00 -4.09 -6.04
C ARG B 541 -27.90 -3.09 -6.32
N MET B 542 -26.67 -3.59 -6.40
CA MET B 542 -25.52 -2.78 -6.79
C MET B 542 -25.47 -2.69 -8.32
N TYR B 543 -25.09 -1.53 -8.86
CA TYR B 543 -24.94 -1.36 -10.30
C TYR B 543 -23.46 -1.13 -10.63
N TRP B 544 -22.96 -1.90 -11.61
CA TRP B 544 -21.57 -1.83 -12.06
C TRP B 544 -21.55 -1.51 -13.56
N ILE B 545 -21.32 -0.24 -13.90
CA ILE B 545 -21.57 0.27 -15.24
C ILE B 545 -20.28 0.78 -15.87
N GLU B 546 -19.80 0.06 -16.88
CA GLU B 546 -18.65 0.48 -17.69
C GLU B 546 -19.07 1.50 -18.75
N LEU B 547 -18.57 2.72 -18.62
CA LEU B 547 -18.79 3.78 -19.62
C LEU B 547 -17.63 3.81 -20.59
N VAL B 548 -17.92 3.85 -21.88
CA VAL B 548 -16.86 3.90 -22.88
C VAL B 548 -16.74 5.32 -23.41
N LEU B 549 -15.59 5.94 -23.21
CA LEU B 549 -15.30 7.27 -23.77
C LEU B 549 -13.92 7.27 -24.42
N GLU B 550 -13.65 8.26 -25.25
CA GLU B 550 -12.37 8.35 -25.98
C GLU B 550 -11.24 8.88 -25.08
N LYS B 551 -10.03 8.36 -25.29
CA LYS B 551 -8.86 8.76 -24.49
C LYS B 551 -8.51 10.24 -24.64
N GLU B 552 -8.82 10.81 -25.81
CA GLU B 552 -8.52 12.22 -26.11
C GLU B 552 -9.55 13.18 -25.50
N ASP B 553 -10.65 12.65 -24.99
CA ASP B 553 -11.78 13.46 -24.54
C ASP B 553 -11.62 13.79 -23.05
N ALA B 554 -11.74 15.07 -22.71
CA ALA B 554 -11.67 15.53 -21.33
C ALA B 554 -12.71 16.63 -21.12
N PRO B 555 -13.28 16.72 -19.90
CA PRO B 555 -14.23 17.81 -19.67
C PRO B 555 -13.53 19.17 -19.72
N LYS B 556 -14.29 20.23 -20.01
CA LYS B 556 -13.69 21.57 -20.22
C LYS B 556 -12.80 22.07 -19.08
N LEU B 557 -13.23 21.85 -17.83
CA LEU B 557 -12.40 22.24 -16.68
C LEU B 557 -11.05 21.52 -16.70
N LEU B 558 -11.04 20.23 -17.05
CA LEU B 558 -9.79 19.45 -17.07
CA LEU B 558 -9.80 19.45 -17.06
C LEU B 558 -8.89 19.88 -18.23
N LYS B 559 -9.48 20.22 -19.37
CA LYS B 559 -8.68 20.71 -20.49
C LYS B 559 -7.83 21.91 -20.03
N LYS B 560 -8.45 22.82 -19.27
CA LYS B 560 -7.77 23.98 -18.71
C LYS B 560 -6.79 23.61 -17.58
N MET B 561 -7.24 22.78 -16.65
CA MET B 561 -6.39 22.38 -15.52
C MET B 561 -5.13 21.61 -15.94
N GLY B 562 -5.26 20.74 -16.95
CA GLY B 562 -4.12 20.01 -17.50
C GLY B 562 -2.98 20.94 -17.87
N LYS B 563 -3.28 22.04 -18.57
CA LYS B 563 -2.26 23.00 -18.98
C LYS B 563 -1.69 23.78 -17.79
N LEU B 564 -2.54 24.06 -16.80
CA LEU B 564 -2.09 24.75 -15.59
C LEU B 564 -1.16 23.88 -14.74
N PHE B 565 -1.44 22.57 -14.64
CA PHE B 565 -0.51 21.65 -13.98
C PHE B 565 0.82 21.61 -14.72
N ALA B 566 0.75 21.52 -16.06
CA ALA B 566 1.95 21.50 -16.89
C ALA B 566 2.84 22.71 -16.62
N GLU B 567 2.24 23.90 -16.53
CA GLU B 567 2.99 25.13 -16.27
C GLU B 567 3.60 25.10 -14.88
N GLN B 568 2.82 24.61 -13.91
CA GLN B 568 3.29 24.47 -12.54
C GLN B 568 4.54 23.57 -12.42
N ASN B 569 4.70 22.63 -13.35
CA ASN B 569 5.87 21.73 -13.36
C ASN B 569 7.02 22.20 -14.26
N LYS B 570 6.93 23.43 -14.77
CA LYS B 570 8.01 24.03 -15.57
C LYS B 570 9.11 24.53 -14.66
#